data_6BCA
#
_entry.id   6BCA
#
_cell.length_a   51.346
_cell.length_b   60.525
_cell.length_c   63.618
_cell.angle_alpha   91.83
_cell.angle_beta   92.97
_cell.angle_gamma   90.01
#
_symmetry.space_group_name_H-M   'P 1'
#
loop_
_entity.id
_entity.type
_entity.pdbx_description
1 polymer 'Transforming protein RhoA'
2 polymer 'A-kinase anchor protein 13'
3 non-polymer 'MAGNESIUM ION'
4 non-polymer "5'-GUANOSINE-DIPHOSPHATE-MONOTHIOPHOSPHATE"
5 water water
#
loop_
_entity_poly.entity_id
_entity_poly.type
_entity_poly.pdbx_seq_one_letter_code
_entity_poly.pdbx_strand_id
1 'polypeptide(L)'
;GILDMAAIRKKLVIVGDGACGKTCLLIVFSKDQFPEVYVPTVFENYVADIEVDGKQVELALWDTAGQEDYDRLRPLSYPD
TDVILMCFSIDSPDSLENIPEKWTPEVKHFCPNVPIILVGNKKDLRNDEHTRRELAKMKQEPVKPEEGRDMANRIGAFGY
MECSAKTKDGVREVFEMATRAALQA
;
F,C
2 'polypeptide(L)'
;GILDASYEKKVRLNEIYTKTDSKSIMRMKSGQMFAKEDLKRKKLVRDGSVFLKNAAGRLKEVQAVLLTDILVFLQEKDQK
YIFASLDQKSTVISLKKLIVREVAHEEKGLFLISMGMTDPEMVEVHASSKEERNSWIQIIQDTINHHHHHH
;
A,B
#
loop_
_chem_comp.id
_chem_comp.type
_chem_comp.name
_chem_comp.formula
GSP non-polymer 5'-GUANOSINE-DIPHOSPHATE-MONOTHIOPHOSPHATE 'C10 H16 N5 O13 P3 S'
MG non-polymer 'MAGNESIUM ION' 'Mg 2'
#
# COMPACT_ATOMS: atom_id res chain seq x y z
N ALA A 7 -12.03 -14.88 -19.76
CA ALA A 7 -13.18 -14.58 -18.93
C ALA A 7 -12.70 -14.07 -17.56
N ILE A 8 -11.51 -14.49 -17.13
CA ILE A 8 -10.81 -13.82 -16.05
C ILE A 8 -10.17 -12.56 -16.65
N ARG A 9 -10.35 -11.41 -16.01
CA ARG A 9 -9.76 -10.19 -16.55
C ARG A 9 -8.56 -9.70 -15.75
N LYS A 10 -7.53 -9.27 -16.48
CA LYS A 10 -6.31 -8.75 -15.87
C LYS A 10 -5.73 -7.60 -16.67
N LYS A 11 -4.99 -6.74 -15.99
CA LYS A 11 -4.50 -5.52 -16.60
C LYS A 11 -2.98 -5.53 -16.60
N LEU A 12 -2.40 -5.32 -17.78
CA LEU A 12 -0.96 -5.29 -17.99
C LEU A 12 -0.59 -3.90 -18.51
N VAL A 13 0.51 -3.39 -17.98
CA VAL A 13 1.09 -2.10 -18.32
C VAL A 13 2.53 -2.27 -18.74
N ILE A 14 2.89 -1.70 -19.88
CA ILE A 14 4.25 -1.80 -20.39
C ILE A 14 4.93 -0.44 -20.34
N VAL A 15 6.17 -0.46 -19.85
CA VAL A 15 7.00 0.70 -19.67
C VAL A 15 8.44 0.45 -20.16
N GLY A 16 9.14 1.53 -20.47
CA GLY A 16 10.52 1.43 -20.91
C GLY A 16 10.89 2.56 -21.85
N ASP A 17 12.17 2.68 -22.16
CA ASP A 17 12.72 3.85 -22.85
C ASP A 17 12.03 4.07 -24.19
N GLY A 18 12.02 5.33 -24.65
CA GLY A 18 11.61 5.62 -26.02
C GLY A 18 12.23 4.63 -27.01
N ALA A 19 11.42 4.02 -27.86
CA ALA A 19 11.89 3.29 -29.05
C ALA A 19 12.40 1.88 -28.77
N CYS A 20 12.27 1.42 -27.55
CA CYS A 20 12.82 0.13 -27.21
C CYS A 20 11.92 -1.07 -27.64
N GLY A 21 10.75 -0.81 -28.21
CA GLY A 21 9.93 -1.84 -28.83
C GLY A 21 8.61 -2.20 -28.15
N LYS A 22 8.19 -1.38 -27.20
CA LYS A 22 6.99 -1.68 -26.40
C LYS A 22 5.73 -1.83 -27.26
N THR A 23 5.46 -0.83 -28.12
CA THR A 23 4.26 -0.87 -28.97
C THR A 23 4.27 -2.04 -29.96
N CYS A 24 5.41 -2.28 -30.63
CA CYS A 24 5.52 -3.42 -31.52
C CYS A 24 5.33 -4.73 -30.76
N LEU A 25 5.78 -4.79 -29.51
CA LEU A 25 5.56 -6.02 -28.74
C LEU A 25 4.03 -6.27 -28.43
N LEU A 26 3.31 -5.27 -27.95
CA LEU A 26 1.89 -5.39 -27.78
C LEU A 26 1.09 -5.75 -29.03
N ILE A 27 1.41 -5.11 -30.15
CA ILE A 27 0.62 -5.28 -31.37
C ILE A 27 0.90 -6.64 -31.94
N VAL A 28 2.19 -7.01 -32.02
CA VAL A 28 2.54 -8.34 -32.49
C VAL A 28 1.80 -9.42 -31.70
N PHE A 29 1.73 -9.24 -30.39
CA PHE A 29 1.03 -10.19 -29.54
C PHE A 29 -0.46 -10.21 -29.77
N SER A 30 -1.10 -9.04 -29.75
CA SER A 30 -2.57 -9.00 -29.80
C SER A 30 -3.10 -9.04 -31.22
N LYS A 31 -2.34 -8.57 -32.19
CA LYS A 31 -2.85 -8.61 -33.56
C LYS A 31 -2.07 -9.54 -34.49
N ASP A 32 -0.94 -10.07 -34.04
CA ASP A 32 -0.14 -10.98 -34.86
C ASP A 32 0.31 -10.27 -36.14
N GLN A 33 0.50 -8.98 -36.03
CA GLN A 33 1.01 -8.19 -37.13
C GLN A 33 1.97 -7.13 -36.61
N PHE A 34 3.16 -7.09 -37.20
CA PHE A 34 4.17 -6.12 -36.85
C PHE A 34 3.78 -4.78 -37.41
N PRO A 35 3.66 -3.76 -36.55
CA PRO A 35 3.25 -2.43 -37.02
C PRO A 35 4.39 -1.73 -37.76
N GLU A 36 4.14 -1.34 -39.00
CA GLU A 36 5.24 -0.98 -39.90
C GLU A 36 5.72 0.45 -39.68
N VAL A 37 4.77 1.35 -39.36
CA VAL A 37 5.05 2.76 -39.20
C VAL A 37 5.21 3.06 -37.72
N TYR A 38 6.34 3.66 -37.36
CA TYR A 38 6.60 3.96 -35.99
C TYR A 38 5.93 5.27 -35.67
N VAL A 39 5.01 5.24 -34.70
CA VAL A 39 4.46 6.46 -34.14
C VAL A 39 4.75 6.48 -32.64
N PRO A 40 5.50 7.49 -32.16
CA PRO A 40 5.75 7.44 -30.72
C PRO A 40 4.44 7.53 -29.88
N THR A 41 4.42 6.75 -28.82
CA THR A 41 3.17 6.58 -28.04
C THR A 41 3.03 7.72 -27.04
N VAL A 42 1.83 8.28 -27.01
CA VAL A 42 1.38 9.17 -25.94
C VAL A 42 0.57 8.30 -24.96
N PHE A 43 -0.55 7.73 -25.44
CA PHE A 43 -1.41 6.82 -24.68
C PHE A 43 -2.18 5.94 -25.67
N GLU A 44 -1.96 4.64 -25.59
CA GLU A 44 -2.88 3.69 -26.18
C GLU A 44 -3.21 2.51 -25.23
N ASN A 45 -4.21 1.72 -25.66
CA ASN A 45 -4.58 0.51 -24.97
C ASN A 45 -5.18 -0.54 -25.92
N TYR A 46 -4.91 -1.81 -25.60
CA TYR A 46 -5.28 -2.91 -26.48
C TYR A 46 -5.83 -4.03 -25.60
N VAL A 47 -6.27 -5.09 -26.24
CA VAL A 47 -6.77 -6.25 -25.51
C VAL A 47 -6.42 -7.52 -26.26
N ALA A 48 -6.14 -8.59 -25.53
CA ALA A 48 -5.96 -9.89 -26.13
C ALA A 48 -6.38 -10.95 -25.14
N ASP A 49 -6.86 -12.04 -25.70
CA ASP A 49 -7.23 -13.21 -24.92
C ASP A 49 -6.04 -14.15 -24.97
N ILE A 50 -5.80 -14.87 -23.89
CA ILE A 50 -4.74 -15.85 -23.89
C ILE A 50 -5.17 -16.98 -22.94
N GLU A 51 -4.80 -18.19 -23.26
CA GLU A 51 -5.08 -19.30 -22.36
C GLU A 51 -3.77 -19.82 -21.81
N VAL A 52 -3.74 -20.01 -20.50
CA VAL A 52 -2.54 -20.43 -19.79
C VAL A 52 -2.87 -21.35 -18.63
N ASP A 53 -2.24 -22.52 -18.63
CA ASP A 53 -2.40 -23.46 -17.54
C ASP A 53 -3.87 -23.85 -17.41
N GLY A 54 -4.60 -23.81 -18.52
CA GLY A 54 -6.02 -24.12 -18.52
C GLY A 54 -6.85 -22.93 -18.09
N LYS A 55 -6.19 -21.81 -17.81
CA LYS A 55 -6.88 -20.58 -17.43
C LYS A 55 -7.05 -19.62 -18.61
N GLN A 56 -8.29 -19.18 -18.83
CA GLN A 56 -8.59 -18.28 -19.92
C GLN A 56 -8.59 -16.84 -19.40
N VAL A 57 -7.69 -16.00 -19.92
CA VAL A 57 -7.53 -14.65 -19.40
C VAL A 57 -7.71 -13.61 -20.50
N GLU A 58 -8.55 -12.59 -20.23
CA GLU A 58 -8.61 -11.38 -21.07
C GLU A 58 -7.64 -10.33 -20.54
N LEU A 59 -6.55 -10.15 -21.26
CA LEU A 59 -5.48 -9.24 -20.90
C LEU A 59 -5.67 -7.83 -21.49
N ALA A 60 -5.87 -6.83 -20.62
CA ALA A 60 -5.88 -5.44 -21.06
C ALA A 60 -4.44 -4.96 -21.22
N LEU A 61 -4.11 -4.40 -22.37
CA LEU A 61 -2.75 -3.93 -22.62
C LEU A 61 -2.66 -2.41 -22.69
N TRP A 62 -2.11 -1.84 -21.64
CA TRP A 62 -1.96 -0.41 -21.52
C TRP A 62 -0.56 0.00 -21.97
N ASP A 63 -0.51 0.67 -23.13
CA ASP A 63 0.74 1.10 -23.77
C ASP A 63 1.09 2.51 -23.29
N THR A 64 2.34 2.77 -22.93
CA THR A 64 2.69 4.08 -22.37
C THR A 64 3.80 4.76 -23.17
N ALA A 65 4.04 6.04 -22.87
CA ALA A 65 5.02 6.82 -23.58
C ALA A 65 6.42 6.58 -22.99
N GLY A 66 7.37 6.19 -23.82
CA GLY A 66 8.76 6.09 -23.40
C GLY A 66 9.48 7.42 -23.20
N GLN A 67 9.05 8.44 -23.95
CA GLN A 67 9.67 9.76 -23.88
C GLN A 67 9.41 10.39 -22.51
N GLU A 68 10.44 11.00 -21.92
CA GLU A 68 10.27 11.65 -20.61
C GLU A 68 9.40 12.91 -20.68
N ASP A 69 9.14 13.42 -21.87
CA ASP A 69 8.23 14.56 -22.02
C ASP A 69 6.82 14.19 -21.56
N TYR A 70 6.54 12.90 -21.50
CA TYR A 70 5.21 12.42 -21.08
C TYR A 70 5.23 11.76 -19.70
N ASP A 71 6.29 12.02 -18.95
CA ASP A 71 6.39 11.57 -17.56
C ASP A 71 5.12 11.84 -16.75
N ARG A 72 4.52 13.02 -16.91
CA ARG A 72 3.35 13.39 -16.11
C ARG A 72 2.20 12.48 -16.45
N LEU A 73 2.15 12.01 -17.68
CA LEU A 73 1.02 11.25 -18.18
C LEU A 73 1.02 9.77 -17.82
N ARG A 74 2.21 9.20 -17.73
CA ARG A 74 2.35 7.77 -17.48
C ARG A 74 1.68 7.27 -16.19
N PRO A 75 1.78 8.02 -15.10
CA PRO A 75 1.09 7.52 -13.91
C PRO A 75 -0.43 7.30 -14.04
N LEU A 76 -1.10 7.87 -15.05
CA LEU A 76 -2.52 7.63 -15.19
C LEU A 76 -2.80 6.17 -15.57
N SER A 77 -1.77 5.47 -16.06
CA SER A 77 -1.93 4.08 -16.51
C SER A 77 -1.68 3.03 -15.44
N TYR A 78 -1.18 3.44 -14.27
CA TYR A 78 -0.72 2.46 -13.28
C TYR A 78 -1.81 1.91 -12.34
N PRO A 79 -2.92 2.61 -12.18
CA PRO A 79 -3.86 2.09 -11.17
C PRO A 79 -4.45 0.73 -11.56
N ASP A 80 -4.62 -0.16 -10.57
CA ASP A 80 -5.30 -1.42 -10.81
C ASP A 80 -4.46 -2.35 -11.69
N THR A 81 -3.14 -2.14 -11.71
CA THR A 81 -2.30 -3.00 -12.56
C THR A 81 -1.97 -4.36 -11.91
N ASP A 82 -2.06 -5.44 -12.69
CA ASP A 82 -1.77 -6.80 -12.22
C ASP A 82 -0.38 -7.28 -12.54
N VAL A 83 0.22 -6.73 -13.59
CA VAL A 83 1.58 -7.12 -13.99
C VAL A 83 2.13 -6.02 -14.87
N ILE A 84 3.43 -5.81 -14.74
CA ILE A 84 4.14 -4.82 -15.52
C ILE A 84 5.20 -5.50 -16.38
N LEU A 85 5.20 -5.13 -17.66
CA LEU A 85 6.33 -5.45 -18.52
C LEU A 85 7.20 -4.22 -18.51
N MET A 86 8.45 -4.40 -18.10
CA MET A 86 9.41 -3.34 -18.06
C MET A 86 10.50 -3.74 -19.09
N CYS A 87 10.61 -2.94 -20.15
CA CYS A 87 11.46 -3.32 -21.29
C CYS A 87 12.64 -2.44 -21.45
N PHE A 88 13.63 -3.06 -22.09
CA PHE A 88 14.81 -2.42 -22.62
C PHE A 88 15.03 -3.09 -23.97
N SER A 89 15.94 -2.54 -24.74
CA SER A 89 16.27 -3.09 -26.04
C SER A 89 17.68 -3.71 -25.99
N ILE A 90 17.82 -4.90 -26.52
CA ILE A 90 19.05 -5.64 -26.43
C ILE A 90 20.16 -4.97 -27.25
N ASP A 91 19.78 -4.18 -28.26
CA ASP A 91 20.77 -3.42 -29.01
C ASP A 91 21.11 -2.05 -28.38
N SER A 92 20.66 -1.80 -27.15
CA SER A 92 20.91 -0.50 -26.50
C SER A 92 21.27 -0.66 -25.02
N PRO A 93 22.57 -0.87 -24.74
CA PRO A 93 22.95 -0.99 -23.32
C PRO A 93 22.48 0.21 -22.47
N ASP A 94 22.35 1.40 -23.08
CA ASP A 94 21.84 2.55 -22.33
C ASP A 94 20.37 2.35 -21.87
N SER A 95 19.57 1.68 -22.69
CA SER A 95 18.20 1.36 -22.28
C SER A 95 18.20 0.45 -21.08
N LEU A 96 19.19 -0.46 -20.99
CA LEU A 96 19.24 -1.35 -19.86
C LEU A 96 19.55 -0.55 -18.60
N GLU A 97 20.47 0.40 -18.69
CA GLU A 97 20.87 1.15 -17.51
C GLU A 97 19.78 2.12 -17.00
N ASN A 98 18.82 2.50 -17.84
CA ASN A 98 17.67 3.26 -17.36
C ASN A 98 16.68 2.39 -16.59
N ILE A 99 16.89 1.07 -16.60
CA ILE A 99 16.01 0.15 -15.87
C ILE A 99 16.07 0.35 -14.34
N PRO A 100 17.28 0.39 -13.77
CA PRO A 100 17.35 0.74 -12.35
C PRO A 100 17.33 2.23 -12.05
N GLU A 101 17.78 3.06 -13.00
CA GLU A 101 17.87 4.49 -12.77
C GLU A 101 16.56 5.26 -12.98
N LYS A 102 15.62 4.70 -13.73
CA LYS A 102 14.40 5.45 -14.03
C LYS A 102 13.15 4.63 -13.88
N TRP A 103 13.08 3.48 -14.54
CA TRP A 103 11.83 2.71 -14.62
C TRP A 103 11.49 2.01 -13.32
N THR A 104 12.47 1.41 -12.65
CA THR A 104 12.19 0.74 -11.40
C THR A 104 11.76 1.73 -10.28
N PRO A 105 12.51 2.83 -10.12
CA PRO A 105 12.07 3.81 -9.12
C PRO A 105 10.69 4.39 -9.46
N GLU A 106 10.35 4.56 -10.75
CA GLU A 106 9.01 5.06 -11.07
C GLU A 106 7.96 4.01 -10.74
N VAL A 107 8.20 2.76 -11.13
CA VAL A 107 7.20 1.73 -10.87
C VAL A 107 7.12 1.41 -9.37
N LYS A 108 8.22 1.50 -8.66
CA LYS A 108 8.15 1.27 -7.22
C LYS A 108 7.46 2.41 -6.47
N HIS A 109 7.34 3.57 -7.11
CA HIS A 109 6.70 4.71 -6.45
C HIS A 109 5.18 4.55 -6.59
N PHE A 110 4.71 4.15 -7.78
CA PHE A 110 3.29 4.11 -8.06
C PHE A 110 2.66 2.76 -7.79
N CYS A 111 3.47 1.71 -7.94
CA CYS A 111 2.97 0.36 -8.04
C CYS A 111 3.83 -0.62 -7.24
N PRO A 112 4.17 -0.31 -5.98
CA PRO A 112 5.32 -1.04 -5.42
C PRO A 112 5.20 -2.56 -5.28
N ASN A 113 3.99 -3.14 -5.20
CA ASN A 113 3.90 -4.60 -5.02
C ASN A 113 3.42 -5.38 -6.22
N VAL A 114 3.43 -4.72 -7.38
CA VAL A 114 3.02 -5.32 -8.65
C VAL A 114 4.18 -6.12 -9.28
N PRO A 115 3.92 -7.37 -9.68
CA PRO A 115 4.99 -8.19 -10.31
C PRO A 115 5.46 -7.58 -11.61
N ILE A 116 6.75 -7.50 -11.74
CA ILE A 116 7.46 -7.10 -12.94
C ILE A 116 8.18 -8.25 -13.71
N ILE A 117 7.97 -8.29 -15.00
CA ILE A 117 8.72 -9.12 -15.96
C ILE A 117 9.69 -8.13 -16.58
N LEU A 118 10.95 -8.40 -16.44
CA LEU A 118 11.90 -7.66 -17.13
C LEU A 118 12.08 -8.28 -18.53
N VAL A 119 11.88 -7.43 -19.55
CA VAL A 119 11.89 -7.88 -20.94
C VAL A 119 12.97 -7.18 -21.75
N GLY A 120 13.85 -7.95 -22.37
CA GLY A 120 14.76 -7.42 -23.34
C GLY A 120 14.13 -7.65 -24.72
N ASN A 121 13.96 -6.56 -25.43
CA ASN A 121 13.35 -6.54 -26.75
C ASN A 121 14.41 -6.57 -27.86
N LYS A 122 13.97 -6.81 -29.10
CA LYS A 122 14.84 -6.65 -30.26
C LYS A 122 15.97 -7.72 -30.27
N LYS A 123 15.65 -8.89 -29.74
CA LYS A 123 16.62 -9.98 -29.63
C LYS A 123 17.25 -10.34 -30.97
N ASP A 124 16.52 -10.03 -32.03
CA ASP A 124 16.98 -10.28 -33.41
C ASP A 124 18.24 -9.50 -33.74
N LEU A 125 18.46 -8.41 -33.02
CA LEU A 125 19.62 -7.57 -33.26
C LEU A 125 20.91 -8.02 -32.53
N ARG A 126 20.81 -8.91 -31.55
CA ARG A 126 22.00 -9.31 -30.78
C ARG A 126 23.12 -9.76 -31.71
N ASN A 127 22.82 -10.67 -32.62
CA ASN A 127 23.86 -11.26 -33.50
C ASN A 127 23.84 -10.66 -34.90
N ASP A 128 23.17 -9.53 -35.07
CA ASP A 128 23.11 -8.87 -36.36
C ASP A 128 24.39 -8.08 -36.56
N GLU A 129 25.09 -8.37 -37.66
CA GLU A 129 26.41 -7.81 -37.89
C GLU A 129 26.39 -6.29 -37.97
N HIS A 130 25.38 -5.73 -38.64
CA HIS A 130 25.35 -4.29 -38.82
C HIS A 130 25.30 -3.66 -37.46
N THR A 131 24.47 -4.22 -36.61
CA THR A 131 24.22 -3.66 -35.28
C THR A 131 25.49 -3.73 -34.43
N ARG A 132 26.17 -4.87 -34.46
CA ARG A 132 27.37 -5.03 -33.65
C ARG A 132 28.41 -4.02 -34.11
N ARG A 133 28.49 -3.82 -35.43
CA ARG A 133 29.50 -2.95 -36.03
C ARG A 133 29.32 -1.49 -35.59
N GLU A 134 28.06 -1.04 -35.58
CA GLU A 134 27.73 0.31 -35.14
C GLU A 134 28.01 0.52 -33.65
N LEU A 135 27.65 -0.48 -32.85
CA LEU A 135 27.83 -0.38 -31.41
C LEU A 135 29.32 -0.33 -31.13
N ALA A 136 30.11 -1.14 -31.83
CA ALA A 136 31.54 -1.21 -31.55
C ALA A 136 32.22 0.14 -31.82
N LYS A 137 31.74 0.90 -32.81
CA LYS A 137 32.31 2.24 -33.08
C LYS A 137 32.18 3.10 -31.83
N MET A 138 31.23 2.74 -30.99
CA MET A 138 30.94 3.47 -29.76
C MET A 138 31.53 2.76 -28.57
N LYS A 139 32.25 1.65 -28.79
CA LYS A 139 32.79 0.85 -27.71
C LYS A 139 31.67 0.14 -26.94
N GLN A 140 30.59 -0.19 -27.64
CA GLN A 140 29.43 -0.86 -27.04
C GLN A 140 29.22 -2.26 -27.62
N GLU A 141 28.44 -3.05 -26.87
CA GLU A 141 28.08 -4.39 -27.27
C GLU A 141 26.59 -4.54 -26.98
N PRO A 142 25.90 -5.35 -27.78
CA PRO A 142 24.56 -5.76 -27.39
C PRO A 142 24.53 -6.39 -25.99
N VAL A 143 23.45 -6.08 -25.28
CA VAL A 143 23.20 -6.65 -23.96
C VAL A 143 23.27 -8.18 -23.99
N LYS A 144 24.01 -8.78 -23.06
CA LYS A 144 24.09 -10.25 -23.02
C LYS A 144 23.02 -10.75 -22.05
N PRO A 145 22.52 -11.99 -22.28
CA PRO A 145 21.42 -12.49 -21.46
C PRO A 145 21.77 -12.53 -19.98
N GLU A 146 23.02 -12.79 -19.64
CA GLU A 146 23.44 -12.75 -18.24
C GLU A 146 23.27 -11.38 -17.60
N GLU A 147 23.52 -10.31 -18.37
CA GLU A 147 23.35 -8.93 -17.91
C GLU A 147 21.88 -8.60 -17.62
N GLY A 148 20.99 -9.20 -18.40
CA GLY A 148 19.56 -8.99 -18.23
C GLY A 148 19.11 -9.74 -16.99
N ARG A 149 19.56 -10.99 -16.86
CA ARG A 149 19.24 -11.80 -15.69
C ARG A 149 19.77 -11.13 -14.45
N ASP A 150 21.00 -10.61 -14.48
CA ASP A 150 21.57 -9.97 -13.29
C ASP A 150 20.72 -8.77 -12.91
N MET A 151 20.27 -8.01 -13.90
CA MET A 151 19.44 -6.84 -13.66
C MET A 151 18.10 -7.23 -13.08
N ALA A 152 17.50 -8.30 -13.63
CA ALA A 152 16.22 -8.82 -13.09
C ALA A 152 16.36 -9.16 -11.61
N ASN A 153 17.50 -9.71 -11.20
CA ASN A 153 17.64 -10.07 -9.80
C ASN A 153 17.77 -8.81 -8.96
N ARG A 154 18.52 -7.85 -9.48
CA ARG A 154 18.80 -6.62 -8.77
C ARG A 154 17.50 -5.82 -8.50
N ILE A 155 16.58 -5.80 -9.46
CA ILE A 155 15.34 -5.03 -9.28
C ILE A 155 14.20 -5.91 -8.70
N GLY A 156 14.48 -7.20 -8.53
CA GLY A 156 13.52 -8.12 -7.93
C GLY A 156 12.36 -8.52 -8.84
N ALA A 157 12.60 -8.55 -10.13
CA ALA A 157 11.57 -8.97 -11.05
C ALA A 157 11.06 -10.40 -10.80
N PHE A 158 9.80 -10.62 -11.17
CA PHE A 158 9.12 -11.92 -11.12
C PHE A 158 9.77 -12.88 -12.10
N GLY A 159 10.22 -12.36 -13.23
CA GLY A 159 10.86 -13.22 -14.23
C GLY A 159 11.66 -12.39 -15.19
N TYR A 160 12.37 -13.06 -16.09
CA TYR A 160 13.15 -12.39 -17.09
C TYR A 160 12.97 -13.10 -18.40
N MET A 161 12.61 -12.32 -19.43
CA MET A 161 12.41 -12.85 -20.76
C MET A 161 13.15 -12.01 -21.79
N GLU A 162 13.46 -12.64 -22.91
CA GLU A 162 13.89 -11.90 -24.09
C GLU A 162 13.02 -12.26 -25.29
N CYS A 163 12.75 -11.27 -26.14
CA CYS A 163 11.90 -11.44 -27.31
C CYS A 163 12.33 -10.54 -28.47
N SER A 164 11.87 -10.91 -29.67
CA SER A 164 11.90 -10.08 -30.86
C SER A 164 10.52 -10.05 -31.44
N ALA A 165 9.88 -8.88 -31.37
CA ALA A 165 8.59 -8.69 -31.98
C ALA A 165 8.72 -8.84 -33.47
N LYS A 166 9.90 -8.47 -34.01
CA LYS A 166 10.10 -8.51 -35.46
C LYS A 166 10.02 -9.93 -35.98
N THR A 167 10.62 -10.87 -35.24
CA THR A 167 10.64 -12.28 -35.68
C THR A 167 9.58 -13.12 -34.99
N LYS A 168 9.02 -12.59 -33.91
CA LYS A 168 8.00 -13.28 -33.11
C LYS A 168 8.66 -14.23 -32.10
N ASP A 169 9.96 -14.42 -32.23
CA ASP A 169 10.67 -15.23 -31.25
C ASP A 169 10.41 -14.79 -29.80
N GLY A 170 9.83 -15.65 -29.01
CA GLY A 170 9.71 -15.40 -27.60
C GLY A 170 8.49 -14.57 -27.21
N VAL A 171 7.72 -14.14 -28.19
CA VAL A 171 6.63 -13.22 -27.91
C VAL A 171 5.55 -13.92 -27.07
N ARG A 172 5.11 -15.10 -27.49
CA ARG A 172 4.12 -15.85 -26.73
C ARG A 172 4.57 -16.13 -25.28
N GLU A 173 5.81 -16.56 -25.11
CA GLU A 173 6.32 -16.83 -23.78
C GLU A 173 6.36 -15.61 -22.84
N VAL A 174 6.67 -14.44 -23.36
CA VAL A 174 6.60 -13.22 -22.56
C VAL A 174 5.22 -13.03 -21.96
N PHE A 175 4.18 -13.15 -22.79
CA PHE A 175 2.87 -12.93 -22.29
C PHE A 175 2.35 -14.09 -21.45
N GLU A 176 2.84 -15.33 -21.71
CA GLU A 176 2.48 -16.45 -20.86
C GLU A 176 2.94 -16.20 -19.44
N MET A 177 4.21 -15.83 -19.32
CA MET A 177 4.77 -15.53 -18.03
C MET A 177 4.08 -14.32 -17.35
N ALA A 178 3.79 -13.26 -18.10
CA ALA A 178 3.13 -12.08 -17.56
C ALA A 178 1.74 -12.42 -17.03
N THR A 179 1.05 -13.28 -17.75
CA THR A 179 -0.23 -13.79 -17.30
C THR A 179 -0.07 -14.60 -16.03
N ARG A 180 0.90 -15.54 -15.97
CA ARG A 180 1.11 -16.27 -14.73
C ARG A 180 1.34 -15.28 -13.55
N ALA A 181 2.13 -14.24 -13.79
CA ALA A 181 2.38 -13.22 -12.76
C ALA A 181 1.10 -12.44 -12.46
N ALA A 182 0.34 -12.10 -13.49
CA ALA A 182 -0.90 -11.35 -13.27
C ALA A 182 -1.89 -12.14 -12.43
N LEU A 183 -1.81 -13.48 -12.49
CA LEU A 183 -2.74 -14.35 -11.79
C LEU A 183 -2.30 -14.59 -10.35
N GLN A 184 -1.06 -14.21 -10.05
CA GLN A 184 -0.50 -14.36 -8.71
C GLN A 184 -1.09 -13.33 -7.73
N ALA A 185 -0.77 -13.53 -6.45
CA ALA A 185 -1.20 -12.66 -5.37
C ALA A 185 -2.63 -13.01 -5.09
N ALA B 5 33.72 15.50 9.28
CA ALA B 5 32.75 14.52 9.73
C ALA B 5 31.88 14.04 8.57
N SER B 6 31.39 14.99 7.78
CA SER B 6 30.60 14.67 6.60
C SER B 6 31.39 13.76 5.63
N TYR B 7 32.65 14.11 5.36
CA TYR B 7 33.39 13.35 4.38
C TYR B 7 33.69 11.95 4.91
N GLU B 8 33.99 11.86 6.20
CA GLU B 8 34.33 10.59 6.81
C GLU B 8 33.10 9.64 6.85
N LYS B 9 31.91 10.20 6.99
CA LYS B 9 30.71 9.37 6.85
C LYS B 9 30.70 8.78 5.45
N LYS B 10 31.14 9.58 4.47
CA LYS B 10 31.13 9.18 3.07
C LYS B 10 32.11 8.03 2.87
N VAL B 11 33.33 8.18 3.36
CA VAL B 11 34.29 7.09 3.30
C VAL B 11 33.71 5.83 3.97
N ARG B 12 33.12 6.01 5.15
CA ARG B 12 32.57 4.86 5.87
C ARG B 12 31.52 4.16 4.98
N LEU B 13 30.60 4.91 4.43
CA LEU B 13 29.60 4.33 3.53
C LEU B 13 30.26 3.58 2.38
N ASN B 14 31.36 4.13 1.83
CA ASN B 14 32.01 3.44 0.71
C ASN B 14 32.64 2.11 1.15
N GLU B 15 33.11 2.07 2.40
CA GLU B 15 33.65 0.84 2.98
C GLU B 15 32.59 -0.25 3.03
N ILE B 16 31.43 0.11 3.57
CA ILE B 16 30.35 -0.84 3.79
C ILE B 16 29.82 -1.33 2.48
N TYR B 17 29.61 -0.41 1.55
CA TYR B 17 29.21 -0.76 0.20
C TYR B 17 30.18 -1.77 -0.43
N THR B 18 31.47 -1.49 -0.41
CA THR B 18 32.41 -2.37 -1.10
C THR B 18 32.51 -3.75 -0.46
N LYS B 19 32.35 -3.81 0.87
CA LYS B 19 32.36 -5.07 1.60
C LYS B 19 31.07 -5.90 1.48
N THR B 20 29.97 -5.31 1.01
CA THR B 20 28.77 -6.12 0.87
C THR B 20 28.80 -6.92 -0.44
N ASP B 21 28.49 -8.21 -0.35
CA ASP B 21 28.49 -9.04 -1.53
C ASP B 21 27.50 -8.54 -2.61
N SER B 22 27.98 -8.48 -3.85
CA SER B 22 27.22 -7.87 -4.92
C SER B 22 25.97 -8.66 -5.33
N LYS B 23 25.84 -9.89 -4.84
CA LYS B 23 24.61 -10.65 -5.09
C LYS B 23 23.57 -10.47 -3.99
N SER B 24 23.91 -9.78 -2.91
CA SER B 24 22.99 -9.67 -1.77
C SER B 24 21.80 -8.78 -2.11
N ILE B 25 20.60 -9.22 -1.75
CA ILE B 25 19.41 -8.40 -1.92
C ILE B 25 18.46 -8.57 -0.73
N MET B 26 17.50 -7.68 -0.63
CA MET B 26 16.52 -7.76 0.45
C MET B 26 15.29 -7.02 0.01
N ARG B 27 14.18 -7.72 -0.12
CA ARG B 27 12.95 -7.05 -0.50
C ARG B 27 12.37 -6.27 0.68
N MET B 28 12.10 -5.00 0.47
CA MET B 28 11.44 -4.18 1.48
C MET B 28 9.96 -4.54 1.48
N LYS B 29 9.28 -4.22 2.57
CA LYS B 29 7.88 -4.62 2.76
C LYS B 29 6.90 -3.94 1.76
N SER B 30 7.33 -2.83 1.19
CA SER B 30 6.56 -2.16 0.14
C SER B 30 6.47 -3.02 -1.13
N GLY B 31 7.48 -3.87 -1.33
CA GLY B 31 7.64 -4.60 -2.58
C GLY B 31 8.90 -4.20 -3.34
N GLN B 32 9.50 -3.08 -2.94
CA GLN B 32 10.70 -2.57 -3.55
C GLN B 32 11.95 -3.38 -3.15
N MET B 33 12.71 -3.83 -4.14
CA MET B 33 13.91 -4.60 -3.87
C MET B 33 15.08 -3.67 -3.55
N PHE B 34 15.79 -3.95 -2.45
CA PHE B 34 17.06 -3.28 -2.16
C PHE B 34 18.23 -4.18 -2.50
N ALA B 35 19.25 -3.61 -3.10
CA ALA B 35 20.37 -4.41 -3.56
C ALA B 35 21.65 -3.72 -3.18
N LYS B 36 22.74 -4.43 -3.41
CA LYS B 36 24.03 -3.88 -3.03
C LYS B 36 24.25 -2.51 -3.66
N GLU B 37 24.04 -2.42 -4.97
CA GLU B 37 24.33 -1.18 -5.71
C GLU B 37 23.51 0.02 -5.24
N ASP B 38 22.37 -0.24 -4.60
CA ASP B 38 21.50 0.81 -4.07
C ASP B 38 22.11 1.54 -2.86
N LEU B 39 23.13 0.93 -2.27
CA LEU B 39 23.84 1.56 -1.16
C LEU B 39 24.68 2.73 -1.65
N LYS B 40 25.15 2.63 -2.88
CA LYS B 40 26.26 3.45 -3.38
C LYS B 40 26.00 4.93 -3.15
N ARG B 41 24.78 5.38 -3.46
CA ARG B 41 24.48 6.80 -3.54
C ARG B 41 23.72 7.35 -2.31
N LYS B 42 23.72 6.58 -1.21
CA LYS B 42 23.00 6.97 0.00
C LYS B 42 23.80 7.96 0.85
N LYS B 43 23.21 8.42 1.95
CA LYS B 43 23.98 9.22 2.90
C LYS B 43 23.93 8.55 4.28
N LEU B 44 25.10 8.42 4.89
CA LEU B 44 25.19 7.67 6.13
C LEU B 44 25.05 8.62 7.30
N VAL B 45 24.23 8.20 8.25
CA VAL B 45 24.06 8.94 9.49
C VAL B 45 24.91 8.28 10.58
N ARG B 46 24.65 6.99 10.86
CA ARG B 46 25.38 6.26 11.89
C ARG B 46 25.40 4.78 11.59
N ASP B 47 26.50 4.12 11.94
CA ASP B 47 26.49 2.65 11.90
C ASP B 47 27.13 2.10 13.17
N GLY B 48 26.70 0.93 13.60
CA GLY B 48 27.25 0.28 14.77
C GLY B 48 26.69 -1.12 14.89
N SER B 49 27.35 -1.93 15.71
CA SER B 49 26.99 -3.33 15.88
C SER B 49 25.83 -3.45 16.87
N VAL B 50 24.81 -4.26 16.56
CA VAL B 50 23.69 -4.47 17.46
C VAL B 50 23.24 -5.90 17.31
N PHE B 51 22.19 -6.29 18.02
CA PHE B 51 21.65 -7.62 17.90
C PHE B 51 20.18 -7.58 17.53
N LEU B 52 19.77 -8.53 16.70
CA LEU B 52 18.39 -8.70 16.35
C LEU B 52 17.91 -9.98 16.99
N LYS B 53 16.71 -9.91 17.54
CA LYS B 53 16.11 -11.04 18.21
C LYS B 53 15.12 -11.67 17.25
N ASN B 54 15.34 -12.95 16.96
CA ASN B 54 14.50 -13.67 16.02
C ASN B 54 13.29 -14.26 16.75
N ALA B 55 12.44 -14.95 16.00
CA ALA B 55 11.15 -15.40 16.50
C ALA B 55 11.30 -16.54 17.50
N ALA B 56 12.39 -17.29 17.34
CA ALA B 56 12.73 -18.35 18.26
C ALA B 56 13.29 -17.77 19.56
N GLY B 57 13.45 -16.47 19.60
CA GLY B 57 13.94 -15.81 20.80
C GLY B 57 15.45 -15.63 20.86
N ARG B 58 16.20 -16.02 19.83
CA ARG B 58 17.66 -15.94 19.89
C ARG B 58 18.24 -14.66 19.24
N LEU B 59 19.36 -14.17 19.78
CA LEU B 59 19.98 -12.93 19.27
C LEU B 59 21.01 -13.21 18.16
N LYS B 60 21.01 -12.37 17.13
CA LYS B 60 21.95 -12.43 16.02
C LYS B 60 22.66 -11.09 15.93
N GLU B 61 23.98 -11.13 15.93
CA GLU B 61 24.73 -9.90 15.77
C GLU B 61 24.58 -9.42 14.33
N VAL B 62 24.42 -8.12 14.18
CA VAL B 62 24.33 -7.52 12.88
C VAL B 62 24.96 -6.17 12.97
N GLN B 63 25.24 -5.57 11.84
CA GLN B 63 25.68 -4.19 11.82
C GLN B 63 24.49 -3.33 11.47
N ALA B 64 24.10 -2.39 12.33
CA ALA B 64 23.01 -1.46 11.97
C ALA B 64 23.58 -0.28 11.19
N VAL B 65 23.02 -0.02 10.02
CA VAL B 65 23.50 1.08 9.21
C VAL B 65 22.33 2.00 8.96
N LEU B 66 22.32 3.12 9.67
CA LEU B 66 21.24 4.11 9.53
C LEU B 66 21.58 5.16 8.47
N LEU B 67 20.87 5.12 7.35
CA LEU B 67 21.03 6.10 6.29
C LEU B 67 19.99 7.22 6.49
N THR B 68 20.03 8.24 5.63
CA THR B 68 19.12 9.35 5.80
C THR B 68 17.69 8.95 5.55
N ASP B 69 17.48 7.84 4.82
CA ASP B 69 16.13 7.49 4.37
C ASP B 69 15.66 6.10 4.74
N ILE B 70 16.59 5.22 5.12
CA ILE B 70 16.28 3.84 5.40
C ILE B 70 17.20 3.35 6.47
N LEU B 71 16.76 2.33 7.21
CA LEU B 71 17.65 1.60 8.11
C LEU B 71 17.88 0.20 7.57
N VAL B 72 19.14 -0.22 7.63
CA VAL B 72 19.62 -1.43 6.97
C VAL B 72 20.37 -2.24 8.02
N PHE B 73 20.12 -3.54 8.10
CA PHE B 73 20.90 -4.42 8.95
C PHE B 73 21.69 -5.39 8.11
N LEU B 74 22.96 -5.55 8.44
CA LEU B 74 23.88 -6.44 7.70
C LEU B 74 24.44 -7.55 8.59
N GLN B 75 24.40 -8.78 8.09
CA GLN B 75 25.17 -9.86 8.69
C GLN B 75 26.52 -9.96 8.00
N GLU B 76 27.50 -10.50 8.72
CA GLU B 76 28.84 -10.67 8.18
C GLU B 76 29.01 -12.13 7.80
N LYS B 77 29.34 -12.37 6.54
CA LYS B 77 29.56 -13.71 6.03
C LYS B 77 30.92 -13.74 5.36
N ASP B 78 31.78 -14.68 5.76
CA ASP B 78 33.04 -14.83 5.06
C ASP B 78 33.66 -13.45 4.81
N GLN B 79 33.71 -12.61 5.84
CA GLN B 79 34.26 -11.26 5.69
C GLN B 79 33.55 -10.37 4.64
N LYS B 80 32.35 -10.76 4.22
CA LYS B 80 31.50 -9.89 3.40
C LYS B 80 30.26 -9.55 4.21
N TYR B 81 29.62 -8.44 3.87
CA TYR B 81 28.29 -8.14 4.39
C TYR B 81 27.21 -8.70 3.46
N ILE B 82 26.11 -9.12 4.06
CA ILE B 82 24.95 -9.49 3.31
C ILE B 82 23.80 -8.88 4.09
N PHE B 83 22.68 -8.65 3.42
CA PHE B 83 21.55 -8.09 4.13
C PHE B 83 21.13 -9.19 5.13
N ALA B 84 20.80 -8.78 6.34
CA ALA B 84 20.58 -9.73 7.43
C ALA B 84 19.31 -10.50 7.20
N SER B 85 19.37 -11.78 7.58
CA SER B 85 18.22 -12.67 7.54
C SER B 85 17.58 -12.69 8.92
N LEU B 86 16.27 -12.51 8.95
CA LEU B 86 15.52 -12.54 10.20
C LEU B 86 14.06 -13.01 9.97
N ASP B 87 13.87 -14.33 10.00
CA ASP B 87 12.54 -14.93 9.84
C ASP B 87 11.70 -14.32 8.73
N GLN B 88 12.20 -14.24 7.54
CA GLN B 88 11.34 -13.72 6.48
C GLN B 88 10.89 -12.26 6.70
N LYS B 89 11.40 -11.60 7.75
CA LYS B 89 11.09 -10.19 7.94
C LYS B 89 12.08 -9.38 7.11
N SER B 90 11.72 -8.17 6.73
CA SER B 90 12.60 -7.34 5.93
C SER B 90 13.58 -6.56 6.79
N THR B 91 14.84 -6.54 6.37
CA THR B 91 15.90 -5.99 7.17
C THR B 91 16.45 -4.75 6.50
N VAL B 92 15.78 -4.31 5.45
CA VAL B 92 15.93 -2.94 4.95
C VAL B 92 14.61 -2.23 5.19
N ILE B 93 14.63 -1.18 6.00
CA ILE B 93 13.40 -0.60 6.54
C ILE B 93 13.35 0.90 6.25
N SER B 94 12.32 1.31 5.52
CA SER B 94 12.12 2.73 5.25
C SER B 94 11.84 3.51 6.54
N LEU B 95 12.39 4.71 6.66
CA LEU B 95 12.12 5.57 7.83
C LEU B 95 10.75 6.26 7.74
N LYS B 96 10.06 6.16 6.63
CA LYS B 96 8.71 6.71 6.57
C LYS B 96 7.76 5.75 7.25
N LYS B 97 6.82 6.30 8.00
CA LYS B 97 5.85 5.46 8.70
C LYS B 97 6.53 4.44 9.64
N LEU B 98 7.69 4.80 10.15
CA LEU B 98 8.41 3.94 11.06
C LEU B 98 8.25 4.51 12.45
N ILE B 99 7.89 3.68 13.41
CA ILE B 99 7.84 4.17 14.77
C ILE B 99 8.79 3.35 15.64
N VAL B 100 9.25 3.94 16.72
CA VAL B 100 10.29 3.36 17.55
C VAL B 100 9.80 3.40 18.99
N ARG B 101 10.13 2.37 19.78
CA ARG B 101 9.72 2.27 21.19
C ARG B 101 10.81 1.58 22.01
N GLU B 102 10.91 1.96 23.27
CA GLU B 102 11.68 1.18 24.22
C GLU B 102 11.02 -0.17 24.39
N VAL B 103 11.83 -1.20 24.58
CA VAL B 103 11.34 -2.48 25.09
C VAL B 103 11.31 -2.33 26.61
N ALA B 104 10.11 -2.26 27.18
CA ALA B 104 9.99 -1.86 28.56
C ALA B 104 10.61 -2.91 29.48
N HIS B 105 10.50 -4.18 29.12
CA HIS B 105 11.05 -5.23 29.97
C HIS B 105 12.56 -5.45 29.77
N GLU B 106 13.16 -4.79 28.78
CA GLU B 106 14.59 -4.96 28.45
C GLU B 106 15.28 -3.62 28.14
N GLU B 107 16.03 -3.16 29.15
CA GLU B 107 16.90 -1.99 29.13
C GLU B 107 17.69 -1.79 27.83
N LYS B 108 18.08 -2.89 27.25
CA LYS B 108 19.00 -2.87 26.11
C LYS B 108 18.23 -2.95 24.82
N GLY B 109 16.90 -2.99 24.91
CA GLY B 109 16.07 -3.23 23.74
C GLY B 109 15.25 -2.05 23.23
N LEU B 110 15.11 -1.98 21.90
CA LEU B 110 14.15 -1.09 21.27
C LEU B 110 13.36 -1.91 20.25
N PHE B 111 12.12 -1.51 20.00
CA PHE B 111 11.29 -2.06 18.94
C PHE B 111 11.25 -1.08 17.77
N LEU B 112 11.24 -1.62 16.55
CA LEU B 112 10.96 -0.82 15.36
C LEU B 112 9.70 -1.37 14.68
N ILE B 113 8.71 -0.54 14.46
CA ILE B 113 7.49 -1.02 13.87
C ILE B 113 7.30 -0.26 12.55
N SER B 114 7.38 -0.99 11.43
CA SER B 114 7.11 -0.41 10.10
C SER B 114 5.63 -0.51 9.80
N MET B 115 5.03 0.61 9.40
CA MET B 115 3.57 0.74 9.31
C MET B 115 2.98 1.04 7.93
N GLY B 116 3.47 0.35 6.90
CA GLY B 116 2.80 0.24 5.62
C GLY B 116 1.48 -0.52 5.67
N ASP B 119 1.76 -5.67 4.73
CA ASP B 119 1.35 -5.63 6.13
C ASP B 119 2.53 -5.22 6.98
N PRO B 120 2.26 -4.64 8.15
CA PRO B 120 3.31 -4.09 9.00
C PRO B 120 4.25 -5.17 9.56
N GLU B 121 5.35 -4.74 10.15
CA GLU B 121 6.32 -5.65 10.76
C GLU B 121 6.98 -4.96 11.90
N MET B 122 7.47 -5.76 12.84
CA MET B 122 8.17 -5.27 14.02
C MET B 122 9.48 -6.03 14.15
N VAL B 123 10.54 -5.31 14.50
CA VAL B 123 11.82 -5.93 14.74
C VAL B 123 12.29 -5.48 16.11
N GLU B 124 12.84 -6.42 16.86
CA GLU B 124 13.39 -6.12 18.17
C GLU B 124 14.93 -6.14 18.09
N VAL B 125 15.48 -4.99 18.44
CA VAL B 125 16.90 -4.73 18.38
C VAL B 125 17.45 -4.49 19.82
N HIS B 126 18.55 -5.17 20.24
CA HIS B 126 19.19 -5.04 21.58
C HIS B 126 20.59 -4.34 21.37
N ALA B 127 20.87 -3.17 22.00
CA ALA B 127 22.20 -2.51 21.99
C ALA B 127 23.01 -3.18 23.13
N SER B 128 24.25 -2.80 23.25
CA SER B 128 25.11 -3.37 24.27
C SER B 128 24.88 -2.80 25.67
N SER B 129 24.06 -1.75 25.78
CA SER B 129 23.73 -1.12 27.05
C SER B 129 22.48 -0.23 26.92
N LYS B 130 21.97 0.21 28.06
CA LYS B 130 20.80 1.08 28.09
C LYS B 130 21.17 2.40 27.42
N GLU B 131 22.32 2.92 27.76
CA GLU B 131 22.74 4.18 27.16
C GLU B 131 22.84 4.04 25.64
N GLU B 132 23.36 2.93 25.17
CA GLU B 132 23.48 2.71 23.72
C GLU B 132 22.08 2.55 23.10
N ARG B 133 21.18 1.87 23.81
CA ARG B 133 19.81 1.71 23.33
C ARG B 133 19.17 3.08 23.21
N ASN B 134 19.31 3.91 24.26
CA ASN B 134 18.77 5.28 24.19
C ASN B 134 19.41 6.11 23.05
N SER B 135 20.71 5.93 22.82
CA SER B 135 21.38 6.64 21.74
C SER B 135 20.81 6.32 20.37
N TRP B 136 20.66 5.03 20.10
CA TRP B 136 20.02 4.56 18.88
C TRP B 136 18.58 5.03 18.71
N ILE B 137 17.82 5.03 19.80
CA ILE B 137 16.45 5.51 19.68
C ILE B 137 16.44 6.98 19.32
N GLN B 138 17.30 7.78 19.95
CA GLN B 138 17.35 9.23 19.67
C GLN B 138 17.72 9.53 18.22
N ILE B 139 18.72 8.81 17.74
CA ILE B 139 19.22 9.16 16.43
C ILE B 139 18.28 8.68 15.30
N ILE B 140 17.69 7.50 15.45
CA ILE B 140 16.68 7.00 14.51
C ILE B 140 15.48 7.91 14.51
N GLN B 141 15.08 8.34 15.71
CA GLN B 141 13.89 9.18 15.86
C GLN B 141 14.19 10.55 15.27
N ASP B 142 15.39 11.06 15.55
CA ASP B 142 15.83 12.30 14.91
C ASP B 142 15.86 12.17 13.37
N THR B 143 16.38 11.07 12.86
CA THR B 143 16.53 10.92 11.42
C THR B 143 15.16 10.82 10.76
N ILE B 144 14.26 10.04 11.37
CA ILE B 144 12.88 9.91 10.89
C ILE B 144 12.24 11.27 10.68
N ASN B 145 12.31 12.11 11.70
CA ASN B 145 11.73 13.46 11.67
C ASN B 145 12.46 14.45 10.73
N TYR C 7 -32.96 18.13 -34.08
CA TYR C 7 -32.23 18.46 -32.85
C TYR C 7 -32.10 19.98 -32.76
N GLU C 8 -32.87 20.62 -31.88
CA GLU C 8 -32.74 22.06 -31.64
C GLU C 8 -31.74 22.40 -30.52
N LYS C 9 -30.48 22.66 -30.91
CA LYS C 9 -29.37 22.74 -29.94
C LYS C 9 -29.53 23.85 -28.87
N LYS C 10 -29.87 25.05 -29.30
CA LYS C 10 -30.02 26.18 -28.37
C LYS C 10 -31.21 26.00 -27.40
N VAL C 11 -32.35 25.52 -27.93
CA VAL C 11 -33.48 25.17 -27.08
C VAL C 11 -33.05 24.11 -26.03
N ARG C 12 -32.31 23.09 -26.46
CA ARG C 12 -31.84 22.10 -25.49
C ARG C 12 -30.92 22.77 -24.46
N LEU C 13 -29.99 23.61 -24.90
CA LEU C 13 -29.08 24.24 -23.93
C LEU C 13 -29.81 25.09 -22.90
N ASN C 14 -30.81 25.86 -23.36
CA ASN C 14 -31.60 26.66 -22.43
C ASN C 14 -32.27 25.80 -21.36
N GLU C 15 -32.81 24.65 -21.75
CA GLU C 15 -33.42 23.69 -20.83
C GLU C 15 -32.43 23.16 -19.81
N ILE C 16 -31.20 22.91 -20.24
CA ILE C 16 -30.20 22.37 -19.36
C ILE C 16 -29.77 23.46 -18.37
N TYR C 17 -29.59 24.68 -18.87
CA TYR C 17 -29.27 25.80 -18.02
C TYR C 17 -30.35 26.03 -16.96
N THR C 18 -31.60 26.17 -17.39
CA THR C 18 -32.66 26.49 -16.45
C THR C 18 -32.72 25.38 -15.40
N LYS C 19 -32.53 24.14 -15.81
CA LYS C 19 -32.60 23.02 -14.86
C LYS C 19 -31.36 22.74 -13.99
N THR C 20 -30.23 23.39 -14.22
CA THR C 20 -29.13 23.11 -13.29
C THR C 20 -29.23 24.03 -12.06
N ASP C 21 -28.74 23.52 -10.95
CA ASP C 21 -28.79 24.23 -9.67
C ASP C 21 -27.80 25.39 -9.58
N SER C 22 -28.32 26.58 -9.26
CA SER C 22 -27.54 27.80 -9.26
C SER C 22 -26.35 27.84 -8.30
N LYS C 23 -26.29 26.92 -7.34
CA LYS C 23 -25.17 26.87 -6.41
C LYS C 23 -24.15 25.78 -6.76
N SER C 24 -24.42 25.03 -7.83
CA SER C 24 -23.52 23.95 -8.20
C SER C 24 -22.32 24.51 -8.95
N ILE C 25 -21.12 24.05 -8.60
CA ILE C 25 -19.89 24.53 -9.21
C ILE C 25 -18.89 23.35 -9.40
N MET C 26 -17.88 23.54 -10.24
CA MET C 26 -16.87 22.50 -10.47
C MET C 26 -15.56 23.10 -10.89
N ARG C 27 -14.52 22.92 -10.06
CA ARG C 27 -13.16 23.38 -10.37
C ARG C 27 -12.59 22.62 -11.57
N MET C 28 -12.18 23.34 -12.61
CA MET C 28 -11.54 22.70 -13.77
C MET C 28 -10.06 22.59 -13.47
N LYS C 29 -9.37 21.64 -14.10
CA LYS C 29 -7.97 21.32 -13.77
C LYS C 29 -7.02 22.50 -13.96
N SER C 30 -7.39 23.43 -14.84
CA SER C 30 -6.63 24.67 -14.96
C SER C 30 -6.52 25.44 -13.63
N GLY C 31 -7.62 25.47 -12.88
CA GLY C 31 -7.74 26.36 -11.73
C GLY C 31 -8.99 27.21 -11.85
N GLN C 32 -9.61 27.17 -13.05
CA GLN C 32 -10.82 27.92 -13.36
C GLN C 32 -12.07 27.27 -12.76
N MET C 33 -12.88 28.08 -12.09
CA MET C 33 -14.06 27.58 -11.45
C MET C 33 -15.19 27.71 -12.44
N PHE C 34 -15.88 26.60 -12.71
CA PHE C 34 -17.05 26.61 -13.58
C PHE C 34 -18.33 26.56 -12.75
N ALA C 35 -19.35 27.30 -13.16
CA ALA C 35 -20.59 27.34 -12.42
C ALA C 35 -21.79 27.44 -13.36
N LYS C 36 -22.97 27.45 -12.79
CA LYS C 36 -24.18 27.53 -13.59
C LYS C 36 -24.12 28.68 -14.59
N GLU C 37 -23.81 29.89 -14.14
CA GLU C 37 -23.88 31.03 -15.03
C GLU C 37 -22.95 30.92 -16.22
N ASP C 38 -21.86 30.18 -16.07
CA ASP C 38 -20.93 29.95 -17.17
C ASP C 38 -21.55 29.14 -18.33
N LEU C 39 -22.63 28.43 -18.06
CA LEU C 39 -23.36 27.69 -19.11
C LEU C 39 -24.10 28.61 -20.06
N LYS C 40 -24.27 29.87 -19.67
CA LYS C 40 -25.32 30.71 -20.23
C LYS C 40 -25.14 30.92 -21.73
N ARG C 41 -23.97 31.37 -22.15
CA ARG C 41 -23.76 31.71 -23.55
C ARG C 41 -22.84 30.71 -24.27
N LYS C 42 -22.82 29.47 -23.80
CA LYS C 42 -22.12 28.39 -24.49
C LYS C 42 -22.90 27.95 -25.72
N LYS C 43 -22.32 27.09 -26.55
CA LYS C 43 -23.00 26.52 -27.69
C LYS C 43 -22.97 24.99 -27.61
N LEU C 44 -24.15 24.38 -27.70
CA LEU C 44 -24.33 22.95 -27.52
C LEU C 44 -24.09 22.17 -28.80
N VAL C 45 -23.31 21.09 -28.67
CA VAL C 45 -23.05 20.19 -29.79
C VAL C 45 -23.90 18.92 -29.67
N ARG C 46 -23.81 18.27 -28.51
CA ARG C 46 -24.61 17.09 -28.25
C ARG C 46 -24.74 16.85 -26.77
N ASP C 47 -25.87 16.27 -26.38
CA ASP C 47 -26.08 15.86 -25.00
C ASP C 47 -26.68 14.48 -25.00
N GLY C 48 -26.39 13.70 -23.97
CA GLY C 48 -26.98 12.39 -23.85
C GLY C 48 -26.55 11.69 -22.58
N SER C 49 -27.25 10.61 -22.27
CA SER C 49 -27.02 9.92 -21.02
C SER C 49 -25.86 8.93 -21.14
N VAL C 50 -25.02 8.91 -20.13
CA VAL C 50 -23.76 8.20 -20.20
C VAL C 50 -23.43 7.76 -18.77
N PHE C 51 -22.37 6.98 -18.57
CA PHE C 51 -21.96 6.51 -17.23
C PHE C 51 -20.47 6.75 -16.96
N LEU C 52 -20.16 7.31 -15.79
CA LEU C 52 -18.77 7.50 -15.40
C LEU C 52 -18.33 6.36 -14.49
N LYS C 53 -17.11 5.91 -14.69
CA LYS C 53 -16.55 4.85 -13.88
C LYS C 53 -15.65 5.42 -12.79
N ASN C 54 -16.01 5.07 -11.57
CA ASN C 54 -15.30 5.38 -10.32
C ASN C 54 -13.96 4.70 -10.26
N ALA C 55 -13.09 5.19 -9.36
CA ALA C 55 -11.81 4.58 -9.06
C ALA C 55 -12.01 3.19 -8.45
N ALA C 56 -13.11 3.04 -7.72
CA ALA C 56 -13.48 1.76 -7.13
C ALA C 56 -14.05 0.81 -8.19
N GLY C 57 -14.21 1.30 -9.41
CA GLY C 57 -14.67 0.44 -10.48
C GLY C 57 -16.16 0.46 -10.72
N ARG C 58 -16.91 1.22 -9.93
CA ARG C 58 -18.38 1.29 -10.13
C ARG C 58 -18.84 2.47 -10.99
N LEU C 59 -20.01 2.33 -11.61
CA LEU C 59 -20.54 3.34 -12.55
C LEU C 59 -21.65 4.25 -11.94
N LYS C 60 -21.71 5.47 -12.43
CA LYS C 60 -22.76 6.41 -12.04
C LYS C 60 -23.31 7.05 -13.30
N GLU C 61 -24.63 7.20 -13.37
CA GLU C 61 -25.24 7.72 -14.57
C GLU C 61 -25.15 9.24 -14.56
N VAL C 62 -24.82 9.84 -15.71
CA VAL C 62 -24.67 11.27 -15.81
C VAL C 62 -25.21 11.69 -17.17
N GLN C 63 -25.44 12.99 -17.30
CA GLN C 63 -25.71 13.57 -18.60
C GLN C 63 -24.42 14.19 -19.10
N ALA C 64 -23.94 13.74 -20.26
CA ALA C 64 -22.80 14.33 -20.93
C ALA C 64 -23.31 15.49 -21.77
N VAL C 65 -22.70 16.65 -21.59
CA VAL C 65 -23.13 17.81 -22.31
C VAL C 65 -21.91 18.36 -22.98
N LEU C 66 -21.78 18.02 -24.25
CA LEU C 66 -20.64 18.48 -25.04
C LEU C 66 -20.97 19.86 -25.61
N LEU C 67 -20.16 20.86 -25.24
CA LEU C 67 -20.26 22.23 -25.79
C LEU C 67 -19.20 22.42 -26.84
N THR C 68 -19.16 23.55 -27.52
CA THR C 68 -18.16 23.73 -28.57
C THR C 68 -16.75 23.83 -28.00
N ASP C 69 -16.63 24.13 -26.71
CA ASP C 69 -15.31 24.40 -26.13
C ASP C 69 -15.00 23.55 -24.91
N ILE C 70 -16.03 22.89 -24.37
CA ILE C 70 -15.94 22.19 -23.09
C ILE C 70 -16.81 20.95 -23.09
N LEU C 71 -16.45 19.96 -22.27
CA LEU C 71 -17.35 18.84 -22.01
C LEU C 71 -17.72 18.81 -20.54
N VAL C 72 -19.01 18.68 -20.29
CA VAL C 72 -19.59 18.82 -18.95
C VAL C 72 -20.36 17.56 -18.61
N PHE C 73 -20.18 17.03 -17.40
CA PHE C 73 -21.01 15.92 -16.94
C PHE C 73 -21.87 16.34 -15.77
N LEU C 74 -23.16 16.06 -15.88
CA LEU C 74 -24.13 16.50 -14.89
C LEU C 74 -24.82 15.31 -14.25
N GLN C 75 -24.96 15.34 -12.93
CA GLN C 75 -25.81 14.39 -12.23
C GLN C 75 -27.18 15.02 -11.96
N GLU C 76 -28.23 14.22 -12.02
CA GLU C 76 -29.56 14.72 -11.69
C GLU C 76 -29.75 14.58 -10.19
N LYS C 77 -30.23 15.62 -9.54
CA LYS C 77 -30.46 15.58 -8.10
C LYS C 77 -31.73 16.33 -7.75
N ASP C 78 -32.74 15.57 -7.36
CA ASP C 78 -33.98 16.19 -6.93
C ASP C 78 -34.46 17.18 -7.99
N GLN C 79 -34.60 16.72 -9.22
CA GLN C 79 -35.22 17.52 -10.27
C GLN C 79 -34.29 18.59 -10.87
N LYS C 80 -33.04 18.66 -10.42
CA LYS C 80 -32.14 19.66 -10.96
C LYS C 80 -30.82 19.05 -11.29
N TYR C 81 -30.12 19.64 -12.24
CA TYR C 81 -28.81 19.13 -12.58
C TYR C 81 -27.79 19.75 -11.64
N ILE C 82 -26.75 18.98 -11.35
CA ILE C 82 -25.59 19.49 -10.65
C ILE C 82 -24.36 18.93 -11.37
N PHE C 83 -23.21 19.55 -11.23
CA PHE C 83 -21.98 19.01 -11.81
C PHE C 83 -21.61 17.69 -11.13
N ALA C 84 -21.40 16.66 -11.92
CA ALA C 84 -21.17 15.31 -11.41
C ALA C 84 -19.90 15.24 -10.55
N SER C 85 -19.97 14.52 -9.43
CA SER C 85 -18.77 14.26 -8.64
C SER C 85 -18.15 12.93 -9.08
N LEU C 86 -16.82 12.89 -9.21
CA LEU C 86 -16.11 11.63 -9.48
C LEU C 86 -14.70 11.62 -8.85
N ASP C 87 -14.57 11.09 -7.64
CA ASP C 87 -13.29 11.09 -6.92
C ASP C 87 -12.39 12.27 -7.27
N GLN C 88 -12.73 13.46 -6.80
CA GLN C 88 -11.80 14.58 -6.95
C GLN C 88 -11.37 14.90 -8.39
N LYS C 89 -11.94 14.21 -9.37
CA LYS C 89 -11.59 14.49 -10.75
C LYS C 89 -12.49 15.61 -11.22
N SER C 90 -12.03 16.43 -12.13
CA SER C 90 -12.87 17.49 -12.64
C SER C 90 -13.81 16.95 -13.72
N THR C 91 -15.09 17.30 -13.57
CA THR C 91 -16.09 16.79 -14.50
C THR C 91 -16.54 17.93 -15.41
N VAL C 92 -15.82 19.02 -15.37
CA VAL C 92 -15.94 19.99 -16.45
C VAL C 92 -14.58 20.04 -17.13
N ILE C 93 -14.57 19.69 -18.41
CA ILE C 93 -13.32 19.42 -19.11
C ILE C 93 -13.12 20.28 -20.35
N SER C 94 -12.01 21.00 -20.39
CA SER C 94 -11.69 21.77 -21.58
C SER C 94 -11.41 20.84 -22.76
N LEU C 95 -11.87 21.21 -23.95
CA LEU C 95 -11.56 20.42 -25.16
C LEU C 95 -10.14 20.68 -25.70
N LYS C 96 -9.45 21.69 -25.20
CA LYS C 96 -8.06 21.93 -25.60
C LYS C 96 -7.16 20.88 -24.94
N LYS C 97 -6.17 20.40 -25.67
CA LYS C 97 -5.28 19.35 -25.15
C LYS C 97 -6.01 18.10 -24.63
N LEU C 98 -7.23 17.86 -25.05
CA LEU C 98 -7.91 16.66 -24.65
C LEU C 98 -7.72 15.59 -25.72
N ILE C 99 -7.40 14.36 -25.32
CA ILE C 99 -7.38 13.28 -26.29
C ILE C 99 -8.39 12.22 -25.88
N VAL C 100 -8.87 11.49 -26.87
CA VAL C 100 -9.93 10.50 -26.68
C VAL C 100 -9.48 9.15 -27.22
N ARG C 101 -9.86 8.05 -26.56
CA ARG C 101 -9.45 6.70 -27.02
C ARG C 101 -10.58 5.70 -26.73
N GLU C 102 -10.62 4.63 -27.49
CA GLU C 102 -11.46 3.51 -27.12
C GLU C 102 -10.88 2.85 -25.87
N VAL C 103 -11.75 2.27 -25.06
CA VAL C 103 -11.32 1.29 -24.09
C VAL C 103 -11.34 -0.07 -24.81
N ALA C 104 -10.17 -0.63 -25.04
CA ALA C 104 -10.09 -1.76 -25.95
C ALA C 104 -10.81 -2.98 -25.37
N HIS C 105 -10.73 -3.12 -24.06
CA HIS C 105 -11.30 -4.29 -23.41
C HIS C 105 -12.80 -4.11 -23.09
N GLU C 106 -13.38 -2.97 -23.44
CA GLU C 106 -14.80 -2.75 -23.17
C GLU C 106 -15.38 -1.88 -24.30
N GLU C 107 -16.10 -2.55 -25.20
CA GLU C 107 -16.57 -1.92 -26.43
C GLU C 107 -17.58 -0.78 -26.14
N LYS C 108 -18.07 -0.70 -24.91
CA LYS C 108 -19.00 0.34 -24.53
C LYS C 108 -18.25 1.53 -23.95
N GLY C 109 -16.92 1.40 -23.80
CA GLY C 109 -16.15 2.45 -23.16
C GLY C 109 -15.21 3.32 -23.98
N LEU C 110 -15.02 4.53 -23.45
CA LEU C 110 -14.04 5.46 -23.99
C LEU C 110 -13.30 6.12 -22.83
N PHE C 111 -12.06 6.54 -23.13
CA PHE C 111 -11.17 7.23 -22.20
C PHE C 111 -11.05 8.71 -22.62
N LEU C 112 -11.14 9.63 -21.66
CA LEU C 112 -10.88 11.04 -21.91
C LEU C 112 -9.65 11.36 -21.10
N ILE C 113 -8.60 11.79 -21.77
CA ILE C 113 -7.39 12.15 -21.03
C ILE C 113 -7.15 13.62 -21.25
N SER C 114 -7.28 14.39 -20.18
CA SER C 114 -6.99 15.83 -20.24
C SER C 114 -5.48 16.02 -20.02
N MET C 115 -4.81 16.69 -20.96
CA MET C 115 -3.36 16.77 -20.95
C MET C 115 -2.74 18.10 -20.51
N GLY C 116 -3.32 18.77 -19.51
CA GLY C 116 -2.66 19.94 -18.95
C GLY C 116 -1.30 19.61 -18.34
N ASP C 119 -1.59 18.71 -13.41
CA ASP C 119 -1.31 17.35 -13.86
C ASP C 119 -2.50 16.77 -14.60
N PRO C 120 -2.23 15.87 -15.55
CA PRO C 120 -3.34 15.33 -16.32
C PRO C 120 -4.26 14.43 -15.51
N GLU C 121 -5.41 14.13 -16.09
CA GLU C 121 -6.44 13.35 -15.44
C GLU C 121 -7.13 12.53 -16.53
N MET C 122 -7.56 11.33 -16.20
CA MET C 122 -8.22 10.53 -17.20
C MET C 122 -9.58 10.13 -16.65
N VAL C 123 -10.60 10.12 -17.49
CA VAL C 123 -11.91 9.74 -17.03
C VAL C 123 -12.43 8.66 -17.96
N GLU C 124 -13.08 7.67 -17.37
CA GLU C 124 -13.58 6.55 -18.14
C GLU C 124 -15.11 6.63 -18.20
N VAL C 125 -15.59 6.72 -19.42
CA VAL C 125 -17.00 6.88 -19.71
C VAL C 125 -17.53 5.69 -20.54
N HIS C 126 -18.68 5.07 -20.16
CA HIS C 126 -19.32 3.91 -20.86
C HIS C 126 -20.69 4.40 -21.51
N ALA C 127 -20.92 4.21 -22.83
CA ALA C 127 -22.22 4.47 -23.51
C ALA C 127 -23.07 3.18 -23.32
N SER C 128 -24.32 3.22 -23.71
CA SER C 128 -25.16 2.05 -23.55
C SER C 128 -24.90 0.99 -24.62
N SER C 129 -24.02 1.30 -25.59
CA SER C 129 -23.71 0.34 -26.65
C SER C 129 -22.47 0.77 -27.41
N LYS C 130 -21.93 -0.16 -28.20
CA LYS C 130 -20.75 0.10 -28.98
C LYS C 130 -21.01 1.22 -29.99
N GLU C 131 -22.15 1.16 -30.66
CA GLU C 131 -22.51 2.20 -31.62
C GLU C 131 -22.49 3.54 -30.90
N GLU C 132 -23.08 3.60 -29.71
CA GLU C 132 -23.16 4.86 -28.98
C GLU C 132 -21.78 5.31 -28.54
N ARG C 133 -20.95 4.37 -28.09
CA ARG C 133 -19.58 4.67 -27.70
C ARG C 133 -18.85 5.25 -28.95
N ASN C 134 -18.89 4.55 -30.08
CA ASN C 134 -18.29 5.08 -31.31
C ASN C 134 -18.84 6.46 -31.69
N SER C 135 -20.16 6.59 -31.66
CA SER C 135 -20.78 7.87 -31.97
C SER C 135 -20.24 8.98 -31.07
N TRP C 136 -20.04 8.69 -29.78
CA TRP C 136 -19.56 9.71 -28.86
C TRP C 136 -18.10 10.07 -29.11
N ILE C 137 -17.29 9.10 -29.48
CA ILE C 137 -15.87 9.36 -29.70
C ILE C 137 -15.76 10.27 -30.90
N GLN C 138 -16.58 10.00 -31.89
CA GLN C 138 -16.59 10.80 -33.15
C GLN C 138 -16.84 12.28 -32.93
N ILE C 139 -17.92 12.55 -32.24
CA ILE C 139 -18.35 13.91 -32.15
C ILE C 139 -17.45 14.65 -31.19
N ILE C 140 -16.93 13.97 -30.17
CA ILE C 140 -16.01 14.61 -29.26
C ILE C 140 -14.75 14.99 -30.05
N GLN C 141 -14.34 14.08 -30.93
CA GLN C 141 -13.13 14.26 -31.71
C GLN C 141 -13.32 15.35 -32.75
N ASP C 142 -14.47 15.34 -33.43
CA ASP C 142 -14.77 16.40 -34.41
C ASP C 142 -14.72 17.77 -33.74
N THR C 143 -15.31 17.86 -32.56
CA THR C 143 -15.42 19.13 -31.87
C THR C 143 -14.03 19.59 -31.36
N ILE C 144 -13.21 18.65 -30.88
CA ILE C 144 -11.84 19.01 -30.47
C ILE C 144 -11.15 19.63 -31.65
N ASN C 145 -11.26 18.97 -32.80
CA ASN C 145 -10.61 19.38 -34.05
C ASN C 145 -11.23 20.58 -34.77
N HIS C 146 -12.37 21.07 -34.27
CA HIS C 146 -13.12 22.18 -34.88
C HIS C 146 -13.66 21.89 -36.28
N HIS C 147 -14.23 20.71 -36.48
CA HIS C 147 -14.72 20.29 -37.80
C HIS C 147 -16.23 20.16 -37.82
N ALA D 7 12.06 -13.12 38.74
CA ALA D 7 12.99 -13.92 37.93
C ALA D 7 12.28 -14.69 36.81
N ILE D 8 11.00 -14.99 37.03
CA ILE D 8 10.17 -15.62 36.02
C ILE D 8 9.56 -14.53 35.13
N ARG D 9 9.64 -14.70 33.81
CA ARG D 9 9.19 -13.68 32.87
C ARG D 9 7.99 -14.22 32.09
N LYS D 10 6.95 -13.40 31.95
CA LYS D 10 5.77 -13.81 31.21
C LYS D 10 5.27 -12.61 30.44
N LYS D 11 4.53 -12.84 29.36
CA LYS D 11 4.00 -11.77 28.50
C LYS D 11 2.48 -11.74 28.48
N LEU D 12 1.94 -10.56 28.76
CA LEU D 12 0.52 -10.27 28.77
C LEU D 12 0.20 -9.23 27.64
N VAL D 13 -0.90 -9.45 26.94
CA VAL D 13 -1.36 -8.66 25.81
C VAL D 13 -2.81 -8.30 26.15
N ILE D 14 -3.14 -7.03 26.02
CA ILE D 14 -4.47 -6.61 26.37
C ILE D 14 -5.13 -6.10 25.09
N VAL D 15 -6.39 -6.50 24.91
CA VAL D 15 -7.14 -6.25 23.72
C VAL D 15 -8.59 -5.90 24.13
N GLY D 16 -9.29 -5.22 23.24
CA GLY D 16 -10.68 -4.81 23.46
C GLY D 16 -11.01 -3.51 22.73
N ASP D 17 -12.30 -3.14 22.67
CA ASP D 17 -12.76 -1.96 21.90
C ASP D 17 -12.05 -0.68 22.28
N GLY D 18 -11.97 0.22 21.30
CA GLY D 18 -11.46 1.56 21.55
C GLY D 18 -12.14 2.16 22.77
N ALA D 19 -11.33 2.68 23.70
CA ALA D 19 -11.81 3.54 24.78
C ALA D 19 -12.38 2.77 25.96
N CYS D 20 -12.34 1.44 25.89
CA CYS D 20 -12.93 0.58 26.91
C CYS D 20 -12.09 0.50 28.21
N GLY D 21 -10.87 1.05 28.24
CA GLY D 21 -10.09 1.25 29.45
C GLY D 21 -8.72 0.53 29.55
N LYS D 22 -8.22 0.01 28.44
CA LYS D 22 -7.07 -0.91 28.49
C LYS D 22 -5.80 -0.21 28.98
N THR D 23 -5.53 0.97 28.43
CA THR D 23 -4.33 1.70 28.77
C THR D 23 -4.32 2.14 30.24
N CYS D 24 -5.44 2.67 30.71
CA CYS D 24 -5.53 3.13 32.08
C CYS D 24 -5.33 1.93 33.04
N LEU D 25 -5.90 0.76 32.69
CA LEU D 25 -5.71 -0.44 33.50
C LEU D 25 -4.23 -0.84 33.60
N LEU D 26 -3.54 -0.98 32.48
CA LEU D 26 -2.09 -1.17 32.51
C LEU D 26 -1.28 -0.15 33.32
N ILE D 27 -1.57 1.14 33.19
CA ILE D 27 -0.70 2.16 33.78
C ILE D 27 -0.99 2.24 35.27
N VAL D 28 -2.27 2.14 35.63
CA VAL D 28 -2.63 2.10 37.05
C VAL D 28 -1.97 0.91 37.71
N PHE D 29 -1.98 -0.24 37.05
CA PHE D 29 -1.35 -1.41 37.60
C PHE D 29 0.16 -1.19 37.69
N SER D 30 0.80 -0.86 36.57
CA SER D 30 2.27 -0.83 36.53
C SER D 30 2.93 0.41 37.13
N LYS D 31 2.22 1.52 37.15
CA LYS D 31 2.73 2.77 37.75
C LYS D 31 1.93 3.31 38.96
N ASP D 32 0.77 2.73 39.26
CA ASP D 32 -0.06 3.22 40.37
C ASP D 32 -0.45 4.69 40.17
N GLN D 33 -0.68 5.06 38.92
CA GLN D 33 -1.04 6.42 38.55
C GLN D 33 -2.06 6.36 37.42
N PHE D 34 -3.14 7.09 37.57
CA PHE D 34 -4.19 7.10 36.56
C PHE D 34 -3.78 8.08 35.46
N PRO D 35 -3.73 7.63 34.22
CA PRO D 35 -3.23 8.59 33.22
C PRO D 35 -4.26 9.70 32.91
N GLU D 36 -3.86 10.95 33.10
CA GLU D 36 -4.74 12.11 32.98
C GLU D 36 -5.30 12.30 31.55
N VAL D 37 -4.40 12.22 30.56
CA VAL D 37 -4.72 12.55 29.18
C VAL D 37 -5.01 11.27 28.37
N TYR D 38 -6.15 11.23 27.69
CA TYR D 38 -6.49 10.09 26.89
C TYR D 38 -5.76 10.21 25.54
N VAL D 39 -4.85 9.27 25.26
CA VAL D 39 -4.23 9.21 23.94
C VAL D 39 -4.54 7.86 23.33
N PRO D 40 -5.22 7.83 22.16
CA PRO D 40 -5.51 6.49 21.65
C PRO D 40 -4.22 5.69 21.29
N THR D 41 -4.26 4.41 21.62
CA THR D 41 -3.07 3.62 21.54
C THR D 41 -2.89 3.12 20.12
N VAL D 42 -1.66 3.26 19.62
CA VAL D 42 -1.23 2.58 18.42
C VAL D 42 -0.43 1.31 18.85
N PHE D 43 0.72 1.52 19.51
CA PHE D 43 1.51 0.43 20.09
C PHE D 43 2.28 0.96 21.31
N GLU D 44 2.07 0.35 22.47
CA GLU D 44 2.92 0.62 23.60
C GLU D 44 3.19 -0.67 24.36
N ASN D 45 4.13 -0.59 25.30
CA ASN D 45 4.47 -1.74 26.12
C ASN D 45 5.12 -1.31 27.42
N TYR D 46 4.76 -1.99 28.49
CA TYR D 46 5.23 -1.64 29.83
C TYR D 46 5.66 -2.90 30.52
N VAL D 47 6.13 -2.75 31.76
CA VAL D 47 6.56 -3.88 32.58
C VAL D 47 6.18 -3.68 34.05
N ALA D 48 5.83 -4.76 34.73
CA ALA D 48 5.68 -4.66 36.19
C ALA D 48 6.04 -5.97 36.82
N ASP D 49 6.47 -5.89 38.06
CA ASP D 49 6.73 -7.08 38.82
C ASP D 49 5.55 -7.35 39.72
N ILE D 50 5.29 -8.61 39.96
CA ILE D 50 4.20 -8.98 40.85
C ILE D 50 4.55 -10.32 41.44
N GLU D 51 4.20 -10.49 42.70
CA GLU D 51 4.41 -11.74 43.40
C GLU D 51 3.08 -12.43 43.70
N VAL D 52 3.00 -13.71 43.36
CA VAL D 52 1.76 -14.47 43.48
C VAL D 52 2.03 -15.90 43.93
N ASP D 53 1.44 -16.30 45.06
CA ASP D 53 1.62 -17.67 45.56
C ASP D 53 3.09 -18.01 45.76
N GLY D 54 3.89 -17.02 46.11
CA GLY D 54 5.32 -17.22 46.30
C GLY D 54 6.16 -17.12 45.04
N LYS D 55 5.52 -16.96 43.90
CA LYS D 55 6.25 -16.81 42.64
C LYS D 55 6.40 -15.34 42.27
N GLN D 56 7.64 -14.93 42.01
CA GLN D 56 7.91 -13.55 41.60
C GLN D 56 7.97 -13.50 40.06
N VAL D 57 7.14 -12.65 39.46
CA VAL D 57 7.02 -12.67 38.01
C VAL D 57 7.25 -11.27 37.51
N GLU D 58 8.11 -11.17 36.50
CA GLU D 58 8.19 -9.97 35.65
C GLU D 58 7.21 -10.05 34.48
N LEU D 59 6.11 -9.31 34.57
CA LEU D 59 5.08 -9.26 33.54
C LEU D 59 5.31 -8.16 32.45
N ALA D 60 5.48 -8.59 31.22
CA ALA D 60 5.56 -7.66 30.11
C ALA D 60 4.12 -7.32 29.73
N LEU D 61 3.83 -6.04 29.69
CA LEU D 61 2.46 -5.60 29.37
C LEU D 61 2.43 -4.98 27.96
N TRP D 62 1.82 -5.68 27.01
CA TRP D 62 1.76 -5.22 25.63
C TRP D 62 0.39 -4.64 25.35
N ASP D 63 0.37 -3.33 25.08
CA ASP D 63 -0.87 -2.52 24.97
C ASP D 63 -1.16 -2.36 23.48
N THR D 64 -2.42 -2.54 23.08
CA THR D 64 -2.77 -2.61 21.67
C THR D 64 -3.86 -1.59 21.32
N ALA D 65 -4.10 -1.41 20.01
CA ALA D 65 -5.03 -0.44 19.55
C ALA D 65 -6.42 -1.05 19.48
N GLY D 66 -7.37 -0.43 20.16
CA GLY D 66 -8.76 -0.88 20.08
C GLY D 66 -9.43 -0.42 18.78
N GLN D 67 -8.88 0.64 18.18
CA GLN D 67 -9.40 1.18 16.93
C GLN D 67 -9.21 0.22 15.75
N GLU D 68 -10.28 0.00 14.98
CA GLU D 68 -10.27 -0.98 13.89
C GLU D 68 -9.33 -0.59 12.74
N ASP D 69 -9.00 0.69 12.64
CA ASP D 69 -7.98 1.10 11.69
C ASP D 69 -6.59 0.55 11.98
N TYR D 70 -6.38 -0.05 13.14
CA TYR D 70 -5.09 -0.63 13.49
C TYR D 70 -5.14 -2.15 13.58
N ASP D 71 -6.23 -2.71 13.05
CA ASP D 71 -6.41 -4.15 12.99
C ASP D 71 -5.20 -4.90 12.38
N ARG D 72 -4.57 -4.31 11.38
CA ARG D 72 -3.42 -4.97 10.74
C ARG D 72 -2.22 -5.00 11.69
N LEU D 73 -2.17 -4.05 12.61
CA LEU D 73 -1.00 -3.86 13.43
C LEU D 73 -1.04 -4.71 14.71
N ARG D 74 -2.25 -4.95 15.19
CA ARG D 74 -2.44 -5.65 16.46
C ARG D 74 -1.84 -7.06 16.50
N PRO D 75 -1.93 -7.80 15.40
CA PRO D 75 -1.33 -9.14 15.40
C PRO D 75 0.19 -9.15 15.58
N LEU D 76 0.87 -8.02 15.41
CA LEU D 76 2.28 -7.96 15.69
C LEU D 76 2.58 -8.23 17.17
N SER D 77 1.60 -8.00 18.05
CA SER D 77 1.81 -8.15 19.49
C SER D 77 1.54 -9.53 20.07
N TYR D 78 0.98 -10.46 19.30
CA TYR D 78 0.48 -11.73 19.86
C TYR D 78 1.54 -12.86 20.06
N PRO D 79 2.62 -12.83 19.27
CA PRO D 79 3.53 -13.99 19.38
C PRO D 79 4.08 -14.16 20.80
N ASP D 80 4.18 -15.39 21.30
CA ASP D 80 4.81 -15.64 22.59
C ASP D 80 3.94 -15.15 23.73
N THR D 81 2.65 -15.08 23.52
CA THR D 81 1.84 -14.55 24.59
C THR D 81 1.51 -15.66 25.58
N ASP D 82 1.60 -15.31 26.87
CA ASP D 82 1.27 -16.23 27.97
C ASP D 82 -0.14 -16.04 28.48
N VAL D 83 -0.68 -14.83 28.41
CA VAL D 83 -2.06 -14.59 28.84
C VAL D 83 -2.60 -13.32 28.17
N ILE D 84 -3.91 -13.38 27.90
CA ILE D 84 -4.64 -12.30 27.27
C ILE D 84 -5.66 -11.73 28.27
N LEU D 85 -5.58 -10.43 28.47
CA LEU D 85 -6.71 -9.70 29.05
C LEU D 85 -7.55 -9.21 27.87
N MET D 86 -8.78 -9.66 27.83
CA MET D 86 -9.71 -9.26 26.79
C MET D 86 -10.80 -8.40 27.50
N CYS D 87 -10.90 -7.12 27.14
CA CYS D 87 -11.69 -6.18 27.94
C CYS D 87 -12.89 -5.66 27.20
N PHE D 88 -13.86 -5.28 28.02
CA PHE D 88 -15.01 -4.49 27.63
C PHE D 88 -15.23 -3.49 28.75
N SER D 89 -16.09 -2.53 28.48
CA SER D 89 -16.42 -1.52 29.48
C SER D 89 -17.84 -1.80 29.96
N ILE D 90 -18.02 -1.73 31.28
CA ILE D 90 -19.28 -2.06 31.88
C ILE D 90 -20.30 -0.96 31.60
N ASP D 91 -19.85 0.26 31.31
CA ASP D 91 -20.80 1.27 30.78
C ASP D 91 -21.10 1.10 29.28
N SER D 92 -20.65 0.03 28.61
CA SER D 92 -20.92 -0.13 27.16
C SER D 92 -21.32 -1.52 26.75
N PRO D 93 -22.63 -1.82 26.83
CA PRO D 93 -23.06 -3.14 26.37
C PRO D 93 -22.58 -3.45 24.94
N ASP D 94 -22.44 -2.44 24.08
CA ASP D 94 -21.88 -2.68 22.74
C ASP D 94 -20.45 -3.27 22.81
N SER D 95 -19.64 -2.82 23.77
CA SER D 95 -18.27 -3.34 23.91
C SER D 95 -18.28 -4.78 24.31
N LEU D 96 -19.27 -5.19 25.12
CA LEU D 96 -19.39 -6.57 25.50
C LEU D 96 -19.79 -7.44 24.29
N GLU D 97 -20.72 -6.95 23.47
CA GLU D 97 -21.14 -7.68 22.26
C GLU D 97 -20.01 -7.88 21.24
N ASN D 98 -19.04 -6.97 21.22
CA ASN D 98 -17.89 -7.16 20.35
C ASN D 98 -16.93 -8.24 20.83
N ILE D 99 -17.13 -8.72 22.06
CA ILE D 99 -16.26 -9.74 22.64
C ILE D 99 -16.37 -11.07 21.88
N PRO D 100 -17.59 -11.56 21.65
CA PRO D 100 -17.71 -12.74 20.79
C PRO D 100 -17.64 -12.49 19.26
N GLU D 101 -18.01 -11.29 18.82
CA GLU D 101 -18.07 -10.97 17.38
C GLU D 101 -16.73 -10.55 16.78
N LYS D 102 -15.89 -9.90 17.57
CA LYS D 102 -14.57 -9.48 17.08
C LYS D 102 -13.36 -9.99 17.91
N TRP D 103 -13.36 -9.81 19.22
CA TRP D 103 -12.12 -10.06 19.96
C TRP D 103 -11.79 -11.56 20.07
N THR D 104 -12.79 -12.39 20.33
CA THR D 104 -12.53 -13.81 20.51
C THR D 104 -12.10 -14.49 19.19
N PRO D 105 -12.83 -14.24 18.08
CA PRO D 105 -12.34 -14.78 16.80
C PRO D 105 -10.92 -14.30 16.47
N GLU D 106 -10.59 -13.03 16.67
CA GLU D 106 -9.22 -12.60 16.34
C GLU D 106 -8.20 -13.34 17.22
N VAL D 107 -8.41 -13.38 18.52
CA VAL D 107 -7.42 -13.99 19.39
C VAL D 107 -7.33 -15.50 19.16
N LYS D 108 -8.46 -16.13 18.85
CA LYS D 108 -8.46 -17.57 18.57
C LYS D 108 -7.72 -17.82 17.27
N HIS D 109 -7.66 -16.82 16.41
CA HIS D 109 -6.92 -17.01 15.17
C HIS D 109 -5.42 -17.00 15.45
N PHE D 110 -4.94 -16.05 16.23
CA PHE D 110 -3.51 -15.84 16.38
C PHE D 110 -2.88 -16.54 17.59
N CYS D 111 -3.73 -16.96 18.50
CA CYS D 111 -3.33 -17.24 19.86
C CYS D 111 -4.14 -18.40 20.38
N PRO D 112 -4.30 -19.45 19.57
CA PRO D 112 -5.08 -20.53 20.16
C PRO D 112 -4.40 -21.05 21.41
N ASN D 113 -5.21 -21.52 22.32
CA ASN D 113 -4.78 -22.08 23.60
C ASN D 113 -4.11 -21.13 24.58
N VAL D 114 -4.05 -19.84 24.27
CA VAL D 114 -3.55 -18.89 25.25
C VAL D 114 -4.72 -18.55 26.19
N PRO D 115 -4.54 -18.71 27.51
CA PRO D 115 -5.67 -18.41 28.39
C PRO D 115 -6.09 -16.94 28.32
N ILE D 116 -7.41 -16.77 28.32
CA ILE D 116 -8.01 -15.44 28.34
C ILE D 116 -8.67 -15.11 29.69
N ILE D 117 -8.37 -13.96 30.26
CA ILE D 117 -9.16 -13.41 31.35
C ILE D 117 -10.11 -12.41 30.71
N LEU D 118 -11.40 -12.65 30.86
CA LEU D 118 -12.34 -11.69 30.37
C LEU D 118 -12.51 -10.58 31.44
N VAL D 119 -12.31 -9.34 31.06
CA VAL D 119 -12.28 -8.28 32.05
C VAL D 119 -13.28 -7.18 31.76
N GLY D 120 -14.18 -6.93 32.70
CA GLY D 120 -15.04 -5.77 32.63
C GLY D 120 -14.43 -4.57 33.32
N ASN D 121 -14.08 -3.55 32.53
CA ASN D 121 -13.57 -2.29 33.04
C ASN D 121 -14.62 -1.25 33.37
N LYS D 122 -14.19 -0.25 34.15
CA LYS D 122 -15.02 0.93 34.49
C LYS D 122 -16.21 0.59 35.41
N LYS D 123 -15.96 -0.37 36.29
CA LYS D 123 -16.99 -0.85 37.21
C LYS D 123 -17.58 0.30 38.06
N ASP D 124 -16.78 1.34 38.27
CA ASP D 124 -17.20 2.55 38.96
C ASP D 124 -18.39 3.22 38.25
N LEU D 125 -18.60 2.95 36.97
CA LEU D 125 -19.71 3.54 36.26
C LEU D 125 -21.05 2.76 36.38
N ARG D 126 -20.99 1.55 36.92
CA ARG D 126 -22.16 0.69 36.97
C ARG D 126 -23.32 1.33 37.75
N ASN D 127 -23.03 1.93 38.90
CA ASN D 127 -24.10 2.51 39.70
C ASN D 127 -24.07 4.04 39.61
N ASP D 128 -23.36 4.57 38.62
CA ASP D 128 -23.25 6.01 38.42
C ASP D 128 -24.56 6.54 37.84
N GLU D 129 -25.21 7.44 38.59
CA GLU D 129 -26.53 7.92 38.18
C GLU D 129 -26.46 8.58 36.82
N HIS D 130 -25.41 9.36 36.59
CA HIS D 130 -25.29 10.05 35.34
C HIS D 130 -25.21 9.04 34.21
N THR D 131 -24.37 8.04 34.39
CA THR D 131 -24.19 7.01 33.36
C THR D 131 -25.48 6.25 33.07
N ARG D 132 -26.17 5.80 34.12
CA ARG D 132 -27.40 5.05 33.95
C ARG D 132 -28.44 5.82 33.16
N ARG D 133 -28.48 7.14 33.39
CA ARG D 133 -29.48 8.00 32.77
C ARG D 133 -29.20 8.23 31.28
N GLU D 134 -27.94 8.39 30.92
CA GLU D 134 -27.60 8.53 29.52
C GLU D 134 -27.91 7.23 28.76
N LEU D 135 -27.53 6.09 29.34
CA LEU D 135 -27.80 4.80 28.71
C LEU D 135 -29.31 4.59 28.54
N ALA D 136 -30.07 4.92 29.58
CA ALA D 136 -31.52 4.75 29.56
C ALA D 136 -32.15 5.52 28.40
N LYS D 137 -31.64 6.72 28.14
CA LYS D 137 -32.09 7.47 26.96
C LYS D 137 -31.92 6.64 25.69
N MET D 138 -30.98 5.70 25.72
CA MET D 138 -30.73 4.83 24.59
C MET D 138 -31.32 3.44 24.77
N LYS D 139 -32.12 3.24 25.83
CA LYS D 139 -32.73 1.94 26.09
C LYS D 139 -31.66 0.88 26.43
N GLN D 140 -30.56 1.37 26.98
CA GLN D 140 -29.47 0.53 27.42
C GLN D 140 -29.33 0.61 28.93
N GLU D 141 -28.58 -0.35 29.47
CA GLU D 141 -28.22 -0.37 30.88
C GLU D 141 -26.77 -0.82 30.96
N PRO D 142 -26.10 -0.49 32.05
CA PRO D 142 -24.78 -1.06 32.28
C PRO D 142 -24.79 -2.60 32.32
N VAL D 143 -23.67 -3.18 31.88
CA VAL D 143 -23.49 -4.62 31.91
C VAL D 143 -23.62 -5.14 33.33
N LYS D 144 -24.37 -6.22 33.51
CA LYS D 144 -24.45 -6.81 34.83
C LYS D 144 -23.39 -7.92 34.98
N PRO D 145 -22.93 -8.17 36.25
CA PRO D 145 -21.91 -9.19 36.50
C PRO D 145 -22.25 -10.56 35.94
N GLU D 146 -23.51 -10.97 36.01
CA GLU D 146 -23.93 -12.23 35.37
C GLU D 146 -23.76 -12.32 33.83
N GLU D 147 -23.96 -11.21 33.12
CA GLU D 147 -23.81 -11.15 31.65
C GLU D 147 -22.34 -11.27 31.27
N GLY D 148 -21.49 -10.80 32.17
CA GLY D 148 -20.07 -10.83 31.97
C GLY D 148 -19.67 -12.28 32.18
N ARG D 149 -20.13 -12.88 33.29
CA ARG D 149 -19.85 -14.29 33.57
C ARG D 149 -20.39 -15.21 32.47
N ASP D 150 -21.62 -14.95 32.01
CA ASP D 150 -22.20 -15.75 30.95
C ASP D 150 -21.27 -15.67 29.74
N MET D 151 -20.81 -14.48 29.43
CA MET D 151 -19.96 -14.30 28.27
C MET D 151 -18.64 -15.04 28.46
N ALA D 152 -18.08 -14.98 29.68
CA ALA D 152 -16.85 -15.72 29.99
C ALA D 152 -17.01 -17.20 29.72
N ASN D 153 -18.15 -17.78 30.11
CA ASN D 153 -18.36 -19.18 29.87
C ASN D 153 -18.47 -19.48 28.36
N ARG D 154 -19.17 -18.61 27.64
CA ARG D 154 -19.43 -18.80 26.22
C ARG D 154 -18.13 -18.77 25.39
N ILE D 155 -17.18 -17.93 25.79
CA ILE D 155 -15.92 -17.86 25.05
C ILE D 155 -14.86 -18.78 25.63
N GLY D 156 -15.17 -19.48 26.73
CA GLY D 156 -14.19 -20.37 27.33
C GLY D 156 -13.02 -19.67 28.01
N ALA D 157 -13.26 -18.50 28.59
CA ALA D 157 -12.19 -17.86 29.31
C ALA D 157 -11.71 -18.64 30.57
N PHE D 158 -10.44 -18.42 30.88
CA PHE D 158 -9.79 -18.93 32.09
C PHE D 158 -10.47 -18.33 33.33
N GLY D 159 -10.90 -17.08 33.22
CA GLY D 159 -11.57 -16.46 34.37
C GLY D 159 -12.28 -15.20 33.99
N TYR D 160 -12.95 -14.61 34.97
CA TYR D 160 -13.69 -13.40 34.78
C TYR D 160 -13.54 -12.47 35.96
N MET D 161 -13.22 -11.23 35.66
CA MET D 161 -12.99 -10.22 36.70
C MET D 161 -13.61 -8.88 36.24
N GLU D 162 -14.03 -8.06 37.20
CA GLU D 162 -14.40 -6.67 36.97
C GLU D 162 -13.45 -5.76 37.74
N CYS D 163 -13.07 -4.64 37.13
CA CYS D 163 -12.26 -3.62 37.78
C CYS D 163 -12.63 -2.19 37.38
N SER D 164 -12.13 -1.26 38.19
CA SER D 164 -12.12 0.13 37.84
C SER D 164 -10.69 0.65 38.05
N ALA D 165 -10.07 1.08 36.95
CA ALA D 165 -8.77 1.69 37.01
C ALA D 165 -8.90 2.97 37.78
N LYS D 166 -10.03 3.67 37.61
CA LYS D 166 -10.19 4.99 38.22
C LYS D 166 -10.10 4.96 39.71
N THR D 167 -10.71 3.94 40.31
CA THR D 167 -10.79 3.83 41.77
C THR D 167 -9.77 2.82 42.33
N LYS D 168 -9.20 2.06 41.42
CA LYS D 168 -8.27 0.96 41.73
C LYS D 168 -8.98 -0.33 42.14
N ASP D 169 -10.27 -0.25 42.44
CA ASP D 169 -10.99 -1.46 42.83
C ASP D 169 -10.77 -2.64 41.84
N GLY D 170 -10.23 -3.74 42.36
CA GLY D 170 -10.11 -4.98 41.60
C GLY D 170 -8.91 -5.06 40.66
N VAL D 171 -8.11 -4.01 40.61
CA VAL D 171 -7.04 -3.97 39.63
C VAL D 171 -5.96 -4.99 39.99
N ARG D 172 -5.60 -5.09 41.27
CA ARG D 172 -4.56 -6.03 41.70
C ARG D 172 -5.05 -7.46 41.42
N GLU D 173 -6.30 -7.75 41.74
CA GLU D 173 -6.88 -9.07 41.56
C GLU D 173 -6.92 -9.50 40.07
N VAL D 174 -7.15 -8.55 39.18
CA VAL D 174 -7.09 -8.84 37.75
C VAL D 174 -5.69 -9.36 37.35
N PHE D 175 -4.64 -8.66 37.74
CA PHE D 175 -3.30 -9.08 37.38
C PHE D 175 -2.82 -10.30 38.18
N GLU D 176 -3.32 -10.51 39.38
CA GLU D 176 -3.11 -11.76 40.09
C GLU D 176 -3.67 -12.95 39.35
N MET D 177 -4.94 -12.87 38.96
CA MET D 177 -5.50 -13.90 38.12
C MET D 177 -4.74 -14.09 36.79
N ALA D 178 -4.41 -12.99 36.12
CA ALA D 178 -3.69 -13.08 34.85
C ALA D 178 -2.32 -13.73 35.02
N THR D 179 -1.67 -13.47 36.14
CA THR D 179 -0.34 -14.08 36.39
C THR D 179 -0.48 -15.60 36.60
N ARG D 180 -1.50 -16.01 37.36
CA ARG D 180 -1.79 -17.40 37.54
C ARG D 180 -2.02 -18.12 36.22
N ALA D 181 -2.77 -17.49 35.34
CA ALA D 181 -3.08 -18.07 34.04
C ALA D 181 -1.80 -18.10 33.20
N ALA D 182 -1.02 -17.03 33.27
CA ALA D 182 0.26 -16.96 32.57
C ALA D 182 1.21 -18.07 33.03
N LEU D 183 1.12 -18.49 34.29
CA LEU D 183 2.02 -19.51 34.84
C LEU D 183 1.55 -20.94 34.49
N GLN D 184 0.33 -21.07 33.97
CA GLN D 184 -0.22 -22.37 33.54
C GLN D 184 0.42 -22.89 32.22
N ALA D 185 0.04 -24.10 31.79
CA ALA D 185 0.61 -24.83 30.64
C ALA D 185 1.69 -25.73 31.20
MG MG E . 5.23 3.11 -28.42
PG GSP F . 7.67 4.96 -27.73
O3B GSP F . 8.40 3.72 -28.50
S1G GSP F . 8.56 6.45 -28.34
O2G GSP F . 6.20 4.82 -28.16
O3G GSP F . 7.86 4.77 -26.24
PB GSP F . 8.18 2.14 -28.39
O1B GSP F . 6.75 1.73 -28.36
O2B GSP F . 9.01 1.63 -27.26
PA GSP F . 8.21 0.82 -30.93
O1A GSP F . 7.31 1.75 -31.63
O2A GSP F . 7.61 -0.45 -30.56
O3A GSP F . 8.91 1.50 -29.66
O5' GSP F . 9.49 0.58 -31.87
C5' GSP F . 10.37 1.61 -32.24
C4' GSP F . 11.22 1.15 -33.43
O4' GSP F . 11.85 -0.12 -33.17
C3' GSP F . 10.45 1.00 -34.73
O3' GSP F . 11.28 1.49 -35.82
C2' GSP F . 10.16 -0.50 -34.72
O2' GSP F . 9.83 -1.11 -35.96
C1' GSP F . 11.44 -1.06 -34.14
N9 GSP F . 11.25 -2.36 -33.52
C8 GSP F . 10.29 -2.76 -32.59
N7 GSP F . 10.52 -4.06 -32.26
C5 GSP F . 11.58 -4.50 -32.96
C6 GSP F . 12.22 -5.75 -32.99
O6 GSP F . 11.82 -6.71 -32.32
N1 GSP F . 13.31 -5.91 -33.82
C2 GSP F . 13.76 -4.86 -34.59
N2 GSP F . 14.83 -5.04 -35.35
N3 GSP F . 13.13 -3.62 -34.53
C4 GSP F . 12.06 -3.45 -33.76
HOG2 GSP F . 5.93 4.10 -28.76
HOG3 GSP F . 8.36 3.99 -25.91
H5'1 GSP F . 11.01 1.86 -31.39
H5'2 GSP F . 9.79 2.49 -32.51
H4' GSP F . 12.00 1.91 -33.59
H3' GSP F . 9.52 1.56 -34.68
HO3' GSP F . 11.54 0.76 -36.40
H2' GSP F . 9.35 -0.68 -34.00
HO2' GSP F . 10.52 -1.78 -36.18
H1' GSP F . 12.18 -1.11 -34.94
H8 GSP F . 9.50 -2.13 -32.19
HN21 GSP F . 15.19 -4.26 -35.91
HN22 GSP F . 15.28 -5.94 -35.40
MG MG G . -5.21 2.71 24.85
PG GSP H . -7.55 2.77 22.84
O3B GSP H . -8.39 2.99 24.23
S1G GSP H . -8.29 3.93 21.63
O2G GSP H . -6.12 3.16 23.10
O3G GSP H . -7.80 1.36 22.38
PB GSP H . -8.14 2.35 25.70
O1B GSP H . -8.95 1.16 25.80
O2B GSP H . -6.70 2.20 26.03
PA GSP H . -8.14 4.28 27.81
O1A GSP H . -7.56 3.46 28.81
O2A GSP H . -7.16 5.21 27.26
O3A GSP H . -8.85 3.38 26.71
O5' GSP H . -9.39 5.10 28.41
C5' GSP H . -10.28 5.78 27.58
C4' GSP H . -11.18 6.73 28.40
O4' GSP H . -11.79 6.03 29.50
C3' GSP H . -10.44 7.92 29.00
O3' GSP H . -11.24 9.16 28.96
C2' GSP H . -10.10 7.37 30.39
O2' GSP H . -9.74 8.30 31.41
C1' GSP H . -11.37 6.58 30.72
N9 GSP H . -11.19 5.50 31.70
C8 GSP H . -10.23 4.49 31.70
N7 GSP H . -10.50 3.71 32.79
C5 GSP H . -11.58 4.17 33.48
C6 GSP H . -12.25 3.73 34.65
O6 GSP H . -11.89 2.70 35.30
N1 GSP H . -13.37 4.46 35.07
C2 GSP H . -13.79 5.59 34.36
N2 GSP H . -14.86 6.30 34.71
N3 GSP H . -13.10 5.98 33.22
C4 GSP H . -12.02 5.30 32.79
HOG2 GSP H . -5.86 3.48 23.98
HOG3 GSP H . -8.38 0.76 22.91
H5'1 GSP H . -9.71 6.34 26.84
H5'2 GSP H . -10.90 5.06 27.04
H4' GSP H . -11.97 7.12 27.74
H3' GSP H . -9.51 8.07 28.45
HO3' GSP H . -11.44 9.45 29.87
H2' GSP H . -9.30 6.65 30.26
HO2' GSP H . -10.39 8.23 32.14
H1' GSP H . -12.12 7.28 31.09
H8 GSP H . -9.56 4.24 30.87
HN21 GSP H . -15.15 7.10 34.14
HN22 GSP H . -15.40 6.05 35.53
#